data_3BWK
#
_entry.id   3BWK
#
_cell.length_a   113.996
_cell.length_b   113.996
_cell.length_c   226.116
_cell.angle_alpha   90.00
_cell.angle_beta   90.00
_cell.angle_gamma   90.00
#
_symmetry.space_group_name_H-M   'P 41 21 2'
#
loop_
_entity.id
_entity.type
_entity.pdbx_description
1 polymer 'Cysteine protease falcipain-3'
2 non-polymer N~2~-(morpholin-4-ylcarbonyl)-N-[(3S)-1-phenyl-5-(phenylsulfonyl)pentan-3-yl]-L-leucinamide
3 non-polymer 'SULFATE ION'
4 water water
#
_entity_poly.entity_id   1
_entity_poly.type   'polypeptide(L)'
_entity_poly.pdbx_seq_one_letter_code
;YEANYEDVIKKYKPADAKLDRIAYDWRLHGGVTPVKDQALCGSCWAFSSVGSVESQYAIRKKALFLFSEQELVDCSVKNN
GCYGGYITNAFDDMIDLGGLCSQDDYPYVSNLPETCNLKRCNERYTIKSYVSIPDDKFKEALRYLGPISISIAASDDFAF
YRGGFYDGECGAAPNHAVILVGYGMKDIYNEDTGRMEKFYYYIIKNSWGSDWGEGGYINLETDENGYKKTCSIGTEAYVP
LLE
;
_entity_poly.pdbx_strand_id   A,B,C,D
#
# COMPACT_ATOMS: atom_id res chain seq x y z
N TYR A 1 -22.27 26.54 17.43
CA TYR A 1 -22.83 25.41 16.59
C TYR A 1 -23.06 24.11 17.33
N GLU A 2 -22.77 24.06 18.63
CA GLU A 2 -22.97 22.88 19.44
C GLU A 2 -24.42 22.77 19.91
N ALA A 3 -25.02 21.61 19.69
CA ALA A 3 -26.37 21.32 20.13
C ALA A 3 -26.32 20.58 21.48
N ASN A 4 -27.52 20.31 22.02
CA ASN A 4 -27.73 19.80 23.36
C ASN A 4 -28.09 18.31 23.25
N TYR A 5 -27.35 17.42 23.90
CA TYR A 5 -27.63 15.98 23.75
C TYR A 5 -29.10 15.62 24.09
N GLU A 6 -29.58 16.16 25.20
CA GLU A 6 -30.91 15.91 25.72
C GLU A 6 -32.02 16.22 24.70
N ASP A 7 -31.93 17.38 24.05
CA ASP A 7 -32.89 17.76 22.98
C ASP A 7 -32.70 16.96 21.72
N VAL A 8 -31.46 16.72 21.33
CA VAL A 8 -31.16 15.91 20.14
C VAL A 8 -31.64 14.46 20.27
N ILE A 9 -31.36 13.78 21.38
CA ILE A 9 -31.74 12.37 21.47
C ILE A 9 -33.25 12.19 21.44
N LYS A 10 -33.99 13.15 21.99
CA LYS A 10 -35.44 13.12 21.96
C LYS A 10 -36.00 13.23 20.54
N LYS A 11 -35.35 13.99 19.67
CA LYS A 11 -35.73 14.02 18.24
C LYS A 11 -35.38 12.73 17.46
N TYR A 12 -34.27 12.08 17.78
CA TYR A 12 -33.77 10.96 16.97
C TYR A 12 -34.21 9.57 17.44
N LYS A 13 -34.35 9.37 18.75
CA LYS A 13 -34.81 8.11 19.27
C LYS A 13 -36.34 8.08 19.18
N PRO A 14 -36.89 7.08 18.46
CA PRO A 14 -38.36 6.98 18.39
C PRO A 14 -38.97 6.69 19.76
N ALA A 15 -40.18 7.19 19.97
CA ALA A 15 -41.01 6.81 21.14
C ALA A 15 -41.17 5.30 21.13
N ASP A 16 -41.13 4.68 22.31
CA ASP A 16 -41.35 3.21 22.44
C ASP A 16 -40.21 2.35 21.82
N ALA A 17 -39.17 3.00 21.31
CA ALA A 17 -37.93 2.31 20.93
C ALA A 17 -37.24 1.90 22.23
N LYS A 18 -36.81 0.63 22.33
CA LYS A 18 -36.08 0.12 23.49
C LYS A 18 -34.67 -0.23 23.03
N LEU A 19 -33.64 0.24 23.74
CA LEU A 19 -32.24 -0.03 23.34
C LEU A 19 -31.79 -1.47 23.60
N ASP A 20 -31.24 -2.09 22.57
CA ASP A 20 -30.51 -3.34 22.69
C ASP A 20 -29.04 -2.99 22.96
N ARG A 21 -28.62 -3.25 24.19
CA ARG A 21 -27.27 -2.98 24.67
C ARG A 21 -26.26 -4.09 24.39
N ILE A 22 -26.70 -5.19 23.79
CA ILE A 22 -25.78 -6.28 23.50
C ILE A 22 -24.90 -5.95 22.29
N ALA A 23 -25.52 -5.64 21.16
CA ALA A 23 -24.79 -5.59 19.89
C ALA A 23 -25.46 -4.71 18.88
N TYR A 24 -24.67 -3.89 18.21
CA TYR A 24 -25.14 -3.11 17.08
C TYR A 24 -23.94 -2.57 16.33
N ASP A 25 -23.89 -2.86 15.05
CA ASP A 25 -22.71 -2.60 14.26
C ASP A 25 -23.15 -1.86 12.99
N TRP A 26 -22.72 -0.61 12.84
CA TRP A 26 -23.10 0.19 11.66
C TRP A 26 -22.53 -0.33 10.31
N ARG A 27 -21.46 -1.13 10.40
CA ARG A 27 -20.91 -1.83 9.24
C ARG A 27 -21.89 -2.86 8.66
N LEU A 28 -22.78 -3.40 9.48
CA LEU A 28 -23.84 -4.28 9.04
C LEU A 28 -25.13 -3.55 8.62
N HIS A 29 -25.15 -2.23 8.76
CA HIS A 29 -26.35 -1.44 8.43
C HIS A 29 -26.06 -0.24 7.51
N GLY A 30 -24.96 -0.30 6.76
CA GLY A 30 -24.68 0.69 5.73
C GLY A 30 -24.28 2.08 6.23
N GLY A 31 -23.72 2.16 7.42
CA GLY A 31 -23.38 3.45 8.03
C GLY A 31 -21.90 3.78 8.08
N VAL A 32 -21.05 2.96 7.47
CA VAL A 32 -19.58 3.10 7.53
C VAL A 32 -18.93 2.95 6.14
N THR A 33 -18.13 3.95 5.82
CA THR A 33 -17.43 4.08 4.57
C THR A 33 -16.04 3.44 4.74
N PRO A 34 -15.33 3.19 3.63
CA PRO A 34 -14.04 2.52 3.69
C PRO A 34 -13.02 3.16 4.63
N VAL A 35 -12.14 2.31 5.15
CA VAL A 35 -11.03 2.69 5.97
C VAL A 35 -10.04 3.46 5.10
N LYS A 36 -9.56 4.58 5.65
CA LYS A 36 -8.52 5.40 5.02
C LYS A 36 -7.17 5.35 5.80
N ASP A 37 -6.15 5.95 5.20
CA ASP A 37 -4.79 5.98 5.72
C ASP A 37 -4.20 7.39 5.73
N GLN A 38 -3.92 7.88 6.92
CA GLN A 38 -3.36 9.21 7.08
C GLN A 38 -1.86 9.33 6.71
N ALA A 39 -1.18 8.20 6.52
CA ALA A 39 0.24 8.18 6.16
C ALA A 39 1.06 8.99 7.17
N LEU A 40 2.15 9.63 6.75
CA LEU A 40 3.06 10.29 7.69
C LEU A 40 2.55 11.70 8.02
N CYS A 41 1.52 11.78 8.85
CA CYS A 41 0.86 13.05 9.12
C CYS A 41 -0.04 12.89 10.34
N GLY A 42 -0.05 13.90 11.24
CA GLY A 42 -0.88 13.86 12.44
C GLY A 42 -2.29 14.40 12.24
N SER A 43 -2.92 13.99 11.14
CA SER A 43 -4.25 14.47 10.75
C SER A 43 -5.41 13.59 11.22
N CYS A 44 -5.20 12.81 12.27
CA CYS A 44 -6.25 11.93 12.82
C CYS A 44 -7.52 12.70 13.14
N TRP A 45 -7.35 13.92 13.65
CA TRP A 45 -8.51 14.78 13.97
C TRP A 45 -9.47 15.05 12.77
N ALA A 46 -8.88 15.08 11.58
CA ALA A 46 -9.56 15.33 10.30
C ALA A 46 -10.18 14.02 9.79
N PHE A 47 -9.49 12.90 9.95
CA PHE A 47 -10.04 11.57 9.64
C PHE A 47 -11.22 11.18 10.53
N SER A 48 -11.07 11.45 11.83
CA SER A 48 -12.17 11.23 12.78
C SER A 48 -13.41 12.03 12.46
N SER A 49 -13.26 13.35 12.40
CA SER A 49 -14.35 14.23 12.18
C SER A 49 -14.99 14.06 10.79
N VAL A 50 -14.20 14.06 9.71
CA VAL A 50 -14.76 13.84 8.37
C VAL A 50 -15.44 12.49 8.25
N GLY A 51 -14.84 11.47 8.83
CA GLY A 51 -15.40 10.12 8.79
C GLY A 51 -16.76 10.03 9.43
N SER A 52 -16.95 10.71 10.57
CA SER A 52 -18.22 10.68 11.25
C SER A 52 -19.30 11.37 10.39
N VAL A 53 -18.89 12.37 9.59
CA VAL A 53 -19.78 13.07 8.66
C VAL A 53 -20.15 12.18 7.47
N GLU A 54 -19.17 11.48 6.92
CA GLU A 54 -19.42 10.44 5.89
C GLU A 54 -20.46 9.44 6.36
N SER A 55 -20.30 8.96 7.60
CA SER A 55 -21.28 8.08 8.24
C SER A 55 -22.71 8.71 8.38
N GLN A 56 -22.81 9.97 8.80
CA GLN A 56 -24.14 10.59 8.90
C GLN A 56 -24.79 10.72 7.55
N TYR A 57 -24.02 11.19 6.57
CA TYR A 57 -24.50 11.20 5.18
C TYR A 57 -24.97 9.83 4.70
N ALA A 58 -24.21 8.76 4.98
CA ALA A 58 -24.57 7.42 4.52
C ALA A 58 -25.87 6.97 5.14
N ILE A 59 -26.03 7.23 6.42
CA ILE A 59 -27.19 6.81 7.19
C ILE A 59 -28.45 7.61 6.79
N ARG A 60 -28.32 8.93 6.66
CA ARG A 60 -29.48 9.80 6.45
C ARG A 60 -29.88 9.93 4.98
N LYS A 61 -28.90 9.86 4.09
CA LYS A 61 -29.15 10.04 2.67
C LYS A 61 -29.08 8.73 1.90
N LYS A 62 -28.59 7.68 2.55
CA LYS A 62 -28.57 6.33 1.97
C LYS A 62 -27.88 6.28 0.60
N ALA A 63 -26.70 6.89 0.53
CA ALA A 63 -25.89 6.90 -0.66
C ALA A 63 -24.47 7.08 -0.15
N LEU A 64 -23.51 6.89 -1.04
CA LEU A 64 -22.12 6.89 -0.66
C LEU A 64 -21.54 8.29 -0.89
N PHE A 65 -21.04 8.89 0.18
CA PHE A 65 -20.40 10.19 0.13
C PHE A 65 -19.02 10.05 0.73
N LEU A 66 -18.03 10.43 -0.06
CA LEU A 66 -16.63 10.37 0.30
C LEU A 66 -16.07 11.79 0.26
N PHE A 67 -15.64 12.29 1.41
CA PHE A 67 -15.21 13.69 1.57
C PHE A 67 -13.71 13.81 1.82
N SER A 68 -13.25 15.04 1.85
CA SER A 68 -11.85 15.36 1.79
C SER A 68 -11.31 15.78 3.13
N GLU A 69 -10.46 14.95 3.72
CA GLU A 69 -9.70 15.36 4.91
C GLU A 69 -8.68 16.43 4.58
N GLN A 70 -8.11 16.40 3.38
CA GLN A 70 -7.08 17.37 2.97
C GLN A 70 -7.55 18.84 2.98
N GLU A 71 -8.79 19.07 2.64
CA GLU A 71 -9.36 20.39 2.71
C GLU A 71 -9.34 20.97 4.11
N LEU A 72 -9.65 20.15 5.11
CA LEU A 72 -9.59 20.59 6.49
C LEU A 72 -8.15 20.82 6.88
N VAL A 73 -7.29 19.90 6.48
CA VAL A 73 -5.87 20.04 6.77
C VAL A 73 -5.37 21.33 6.21
N ASP A 74 -5.72 21.64 4.97
CA ASP A 74 -5.24 22.83 4.31
C ASP A 74 -5.91 24.08 4.84
N CYS A 75 -7.21 24.02 5.13
CA CYS A 75 -8.03 25.24 5.28
C CYS A 75 -8.53 25.51 6.68
N SER A 76 -8.50 24.53 7.56
CA SER A 76 -9.00 24.71 8.94
C SER A 76 -7.99 25.50 9.76
N VAL A 77 -8.22 26.80 9.92
CA VAL A 77 -7.30 27.69 10.63
C VAL A 77 -7.31 27.48 12.15
N LYS A 78 -8.39 26.89 12.64
CA LYS A 78 -8.55 26.53 14.05
C LYS A 78 -7.79 25.28 14.45
N ASN A 79 -7.29 24.52 13.47
CA ASN A 79 -6.45 23.35 13.71
C ASN A 79 -5.05 23.60 13.17
N ASN A 80 -4.16 22.60 13.23
CA ASN A 80 -2.76 22.75 12.88
C ASN A 80 -2.28 21.70 11.90
N GLY A 81 -3.11 21.37 10.90
CA GLY A 81 -2.75 20.37 9.89
C GLY A 81 -2.17 19.07 10.42
N CYS A 82 -0.99 18.72 9.90
CA CYS A 82 -0.26 17.52 10.35
C CYS A 82 0.24 17.56 11.78
N TYR A 83 0.26 18.73 12.39
CA TYR A 83 0.70 18.86 13.77
C TYR A 83 -0.39 18.64 14.78
N GLY A 84 -1.64 18.48 14.32
CA GLY A 84 -2.76 18.10 15.17
C GLY A 84 -3.92 19.07 15.21
N GLY A 85 -4.95 18.69 15.94
CA GLY A 85 -6.14 19.46 16.07
C GLY A 85 -7.14 18.81 17.00
N TYR A 86 -8.38 19.28 16.92
CA TYR A 86 -9.43 19.00 17.88
C TYR A 86 -10.66 18.69 17.10
N ILE A 87 -11.53 17.83 17.62
CA ILE A 87 -12.72 17.40 16.93
C ILE A 87 -13.71 18.54 16.74
N THR A 88 -13.98 19.33 17.77
CA THR A 88 -14.94 20.43 17.68
C THR A 88 -14.47 21.56 16.77
N ASN A 89 -13.17 21.89 16.84
CA ASN A 89 -12.56 22.85 15.93
C ASN A 89 -12.81 22.45 14.49
N ALA A 90 -12.59 21.16 14.20
CA ALA A 90 -12.83 20.56 12.89
C ALA A 90 -14.28 20.78 12.45
N PHE A 91 -15.26 20.42 13.30
CA PHE A 91 -16.65 20.67 12.94
C PHE A 91 -16.99 22.16 12.76
N ASP A 92 -16.48 23.04 13.63
CA ASP A 92 -16.64 24.47 13.51
C ASP A 92 -16.16 25.02 12.18
N ASP A 93 -15.00 24.56 11.71
CA ASP A 93 -14.46 24.98 10.41
C ASP A 93 -15.17 24.36 9.23
N MET A 94 -15.68 23.15 9.36
CA MET A 94 -16.54 22.59 8.29
C MET A 94 -17.71 23.49 8.05
N ILE A 95 -18.26 24.06 9.12
CA ILE A 95 -19.40 24.95 9.01
C ILE A 95 -18.97 26.31 8.47
N ASP A 96 -17.92 26.87 9.05
CA ASP A 96 -17.48 28.21 8.64
C ASP A 96 -16.94 28.26 7.21
N LEU A 97 -16.26 27.20 6.77
CA LEU A 97 -15.72 27.15 5.42
C LEU A 97 -16.78 26.95 4.35
N GLY A 98 -18.00 26.56 4.73
CA GLY A 98 -19.07 26.37 3.76
C GLY A 98 -19.24 24.94 3.32
N GLY A 99 -18.74 24.01 4.12
CA GLY A 99 -18.93 22.60 3.88
C GLY A 99 -17.70 21.83 3.45
N LEU A 100 -17.87 20.52 3.35
CA LEU A 100 -16.81 19.62 2.93
C LEU A 100 -16.78 19.52 1.41
N CYS A 101 -15.64 19.08 0.88
CA CYS A 101 -15.44 18.78 -0.54
C CYS A 101 -15.41 17.28 -0.69
N SER A 102 -15.69 16.82 -1.91
CA SER A 102 -15.50 15.41 -2.22
C SER A 102 -14.02 15.02 -2.23
N GLN A 103 -13.80 13.76 -1.90
CA GLN A 103 -12.48 13.13 -1.88
C GLN A 103 -11.77 13.29 -3.24
N ASP A 104 -12.49 13.10 -4.33
CA ASP A 104 -11.93 13.24 -5.69
C ASP A 104 -11.64 14.68 -6.16
N ASP A 105 -12.38 15.66 -5.65
CA ASP A 105 -12.09 17.07 -5.96
C ASP A 105 -10.86 17.60 -5.22
N TYR A 106 -10.60 17.05 -4.03
CA TYR A 106 -9.55 17.53 -3.16
C TYR A 106 -8.83 16.33 -2.52
N PRO A 107 -7.99 15.65 -3.30
CA PRO A 107 -7.33 14.44 -2.77
C PRO A 107 -6.29 14.68 -1.67
N TYR A 108 -6.05 13.61 -0.91
CA TYR A 108 -5.14 13.61 0.24
C TYR A 108 -3.68 13.53 -0.17
N VAL A 109 -2.86 14.46 0.34
CA VAL A 109 -1.41 14.48 0.04
C VAL A 109 -0.57 14.47 1.35
N SER A 110 -1.22 14.11 2.45
CA SER A 110 -0.61 13.97 3.76
C SER A 110 0.27 15.13 4.19
N ASN A 111 1.58 14.89 4.33
CA ASN A 111 2.53 15.92 4.80
C ASN A 111 3.02 16.93 3.73
N LEU A 112 2.61 16.74 2.48
CA LEU A 112 2.98 17.66 1.40
C LEU A 112 2.30 19.02 1.65
N PRO A 113 3.09 20.09 1.86
CA PRO A 113 2.41 21.40 2.09
C PRO A 113 1.55 21.83 0.90
N GLU A 114 0.35 22.29 1.18
CA GLU A 114 -0.61 22.62 0.15
C GLU A 114 -1.44 23.82 0.60
N THR A 115 -1.63 24.76 -0.31
CA THR A 115 -2.36 25.97 0.00
C THR A 115 -3.82 25.64 0.04
N CYS A 116 -4.59 26.37 0.83
CA CYS A 116 -6.04 26.24 0.79
C CYS A 116 -6.55 26.80 -0.54
N ASN A 117 -7.28 25.99 -1.31
CA ASN A 117 -7.91 26.46 -2.54
C ASN A 117 -9.26 25.81 -2.77
N LEU A 118 -10.30 26.46 -2.26
CA LEU A 118 -11.65 25.95 -2.35
C LEU A 118 -12.25 26.07 -3.75
N LYS A 119 -11.60 26.78 -4.66
CA LYS A 119 -12.00 26.76 -6.07
C LYS A 119 -11.90 25.36 -6.72
N ARG A 120 -11.10 24.49 -6.12
CA ARG A 120 -10.94 23.11 -6.61
C ARG A 120 -12.20 22.25 -6.38
N CYS A 121 -13.02 22.63 -5.40
CA CYS A 121 -14.24 21.94 -5.07
C CYS A 121 -15.35 22.40 -5.98
N ASN A 122 -16.11 21.46 -6.52
CA ASN A 122 -17.28 21.79 -7.26
C ASN A 122 -18.46 21.80 -6.30
N GLU A 123 -18.94 20.64 -5.88
CA GLU A 123 -20.06 20.56 -4.95
C GLU A 123 -19.55 20.60 -3.47
N ARG A 124 -20.38 21.12 -2.57
CA ARG A 124 -20.07 21.20 -1.14
C ARG A 124 -21.16 20.56 -0.33
N TYR A 125 -20.74 20.07 0.84
CA TYR A 125 -21.53 19.16 1.66
C TYR A 125 -21.42 19.65 3.08
N THR A 126 -22.52 20.20 3.59
CA THR A 126 -22.52 20.93 4.83
C THR A 126 -23.03 20.00 5.95
N ILE A 127 -22.77 20.43 7.18
CA ILE A 127 -23.45 19.89 8.34
C ILE A 127 -24.14 21.09 9.00
N LYS A 128 -25.09 20.80 9.88
CA LYS A 128 -25.89 21.82 10.55
C LYS A 128 -25.34 22.14 11.94
N SER A 129 -24.94 21.11 12.65
CA SER A 129 -24.44 21.23 14.01
C SER A 129 -23.72 19.94 14.42
N TYR A 130 -23.31 19.89 15.68
CA TYR A 130 -22.74 18.66 16.25
C TYR A 130 -23.13 18.63 17.71
N VAL A 131 -23.07 17.44 18.31
CA VAL A 131 -23.47 17.25 19.68
C VAL A 131 -22.46 16.41 20.46
N SER A 132 -22.15 16.84 21.66
CA SER A 132 -21.27 16.12 22.57
C SER A 132 -22.04 14.94 23.18
N ILE A 133 -21.43 13.75 23.18
CA ILE A 133 -22.07 12.56 23.74
C ILE A 133 -21.55 12.26 25.16
N PRO A 134 -22.46 12.28 26.16
CA PRO A 134 -22.04 11.95 27.52
C PRO A 134 -21.49 10.55 27.67
N ASP A 135 -20.56 10.39 28.59
CA ASP A 135 -19.86 9.12 28.74
C ASP A 135 -20.74 7.93 29.11
N ASP A 136 -21.91 8.22 29.69
CA ASP A 136 -22.92 7.20 30.03
C ASP A 136 -23.95 6.93 28.89
N LYS A 137 -23.74 7.47 27.68
CA LYS A 137 -24.74 7.39 26.59
C LYS A 137 -24.21 6.91 25.24
N PHE A 138 -23.05 6.25 25.20
CA PHE A 138 -22.42 5.89 23.93
C PHE A 138 -23.26 4.89 23.14
N LYS A 139 -23.79 3.85 23.78
CA LYS A 139 -24.59 2.84 23.07
C LYS A 139 -25.91 3.43 22.53
N GLU A 140 -26.57 4.26 23.33
CA GLU A 140 -27.77 4.98 22.92
C GLU A 140 -27.50 5.94 21.76
N ALA A 141 -26.44 6.71 21.85
CA ALA A 141 -26.04 7.61 20.77
C ALA A 141 -25.66 6.85 19.50
N LEU A 142 -24.90 5.79 19.64
CA LEU A 142 -24.49 4.99 18.47
C LEU A 142 -25.72 4.46 17.73
N ARG A 143 -26.67 3.94 18.49
CA ARG A 143 -27.81 3.29 17.87
C ARG A 143 -28.74 4.27 17.18
N TYR A 144 -28.93 5.46 17.74
CA TYR A 144 -29.94 6.38 17.23
C TYR A 144 -29.39 7.60 16.55
N LEU A 145 -28.16 7.98 16.86
CA LEU A 145 -27.53 9.13 16.21
C LEU A 145 -26.56 8.63 15.12
N GLY A 146 -25.69 7.69 15.50
CA GLY A 146 -24.73 7.13 14.58
C GLY A 146 -23.33 7.14 15.11
N PRO A 147 -22.38 6.80 14.24
CA PRO A 147 -20.98 6.74 14.61
C PRO A 147 -20.48 8.04 15.24
N ILE A 148 -19.64 7.86 16.26
CA ILE A 148 -19.16 8.94 17.12
C ILE A 148 -17.67 9.19 16.90
N SER A 149 -17.32 10.43 16.64
CA SER A 149 -15.95 10.90 16.57
C SER A 149 -15.45 11.04 18.01
N ILE A 150 -14.43 10.28 18.36
CA ILE A 150 -13.95 10.21 19.73
C ILE A 150 -12.44 10.38 19.78
N SER A 151 -11.95 10.90 20.90
CA SER A 151 -10.56 10.81 21.29
C SER A 151 -10.20 9.44 21.92
N ILE A 152 -8.90 9.11 21.87
CA ILE A 152 -8.39 7.85 22.37
C ILE A 152 -6.96 8.08 22.81
N ALA A 153 -6.52 7.35 23.83
CA ALA A 153 -5.15 7.32 24.35
C ALA A 153 -4.43 6.10 23.75
N ALA A 154 -3.75 6.30 22.63
CA ALA A 154 -3.07 5.24 21.88
C ALA A 154 -1.64 5.12 22.34
N SER A 155 -1.22 3.89 22.63
CA SER A 155 0.14 3.56 22.98
C SER A 155 0.89 2.98 21.76
N ASP A 156 2.12 2.58 21.98
CA ASP A 156 2.91 1.84 21.01
C ASP A 156 2.33 0.43 20.71
N ASP A 157 1.88 -0.30 21.74
CA ASP A 157 1.10 -1.52 21.53
C ASP A 157 -0.07 -1.34 20.56
N PHE A 158 -0.76 -0.22 20.66
CA PHE A 158 -1.92 0.10 19.81
C PHE A 158 -1.45 0.31 18.38
N ALA A 159 -0.36 1.07 18.24
CA ALA A 159 0.28 1.29 16.92
C ALA A 159 0.66 0.00 16.19
N PHE A 160 1.15 -0.99 16.93
CA PHE A 160 1.67 -2.23 16.36
C PHE A 160 0.65 -3.35 16.35
N TYR A 161 -0.60 -3.05 16.69
CA TYR A 161 -1.70 -4.00 16.68
C TYR A 161 -2.08 -4.50 15.28
N ARG A 162 -2.03 -5.80 15.10
CA ARG A 162 -2.37 -6.41 13.83
C ARG A 162 -3.50 -7.43 13.95
N GLY A 163 -4.32 -7.30 14.98
CA GLY A 163 -5.54 -8.13 15.05
C GLY A 163 -5.47 -9.15 16.14
N GLY A 164 -6.61 -9.78 16.40
CA GLY A 164 -6.74 -10.64 17.56
C GLY A 164 -7.18 -9.88 18.79
N PHE A 165 -7.39 -10.60 19.86
CA PHE A 165 -7.89 -10.03 21.11
C PHE A 165 -6.88 -9.02 21.73
N TYR A 166 -7.28 -7.77 21.90
CA TYR A 166 -6.32 -6.73 22.34
C TYR A 166 -5.99 -6.86 23.81
N ASP A 167 -4.70 -6.98 24.13
CA ASP A 167 -4.21 -6.91 25.51
C ASP A 167 -2.97 -5.98 25.70
N GLY A 168 -2.81 -4.95 24.87
CA GLY A 168 -1.71 -4.02 25.03
C GLY A 168 -1.99 -2.92 26.03
N GLU A 169 -0.99 -2.13 26.34
CA GLU A 169 -1.17 -0.98 27.19
C GLU A 169 -2.01 0.11 26.52
N CYS A 170 -2.49 1.02 27.35
CA CYS A 170 -3.16 2.22 26.89
C CYS A 170 -2.22 3.34 27.09
N GLY A 171 -2.43 4.44 26.37
CA GLY A 171 -1.69 5.66 26.62
C GLY A 171 -2.10 6.37 27.88
N ALA A 172 -1.27 7.32 28.27
CA ALA A 172 -1.51 8.16 29.45
C ALA A 172 -2.75 9.06 29.25
N ALA A 173 -2.68 9.84 28.17
CA ALA A 173 -3.63 10.90 27.89
C ALA A 173 -4.13 10.72 26.46
N PRO A 174 -5.35 11.19 26.18
CA PRO A 174 -5.80 11.19 24.78
C PRO A 174 -4.80 11.89 23.85
N ASN A 175 -4.42 11.22 22.78
CA ASN A 175 -3.43 11.73 21.82
C ASN A 175 -3.84 11.43 20.36
N HIS A 176 -5.06 10.96 20.15
CA HIS A 176 -5.48 10.42 18.84
C HIS A 176 -6.99 10.54 18.78
N ALA A 177 -7.53 10.46 17.58
CA ALA A 177 -8.94 10.61 17.32
C ALA A 177 -9.29 9.52 16.34
N VAL A 178 -10.38 8.81 16.67
CA VAL A 178 -10.86 7.68 15.90
C VAL A 178 -12.40 7.80 15.85
N ILE A 179 -13.04 6.75 15.35
CA ILE A 179 -14.50 6.71 15.27
C ILE A 179 -15.05 5.45 15.91
N LEU A 180 -16.04 5.63 16.79
CA LEU A 180 -16.86 4.54 17.30
C LEU A 180 -17.96 4.19 16.28
N VAL A 181 -17.95 2.97 15.75
CA VAL A 181 -18.92 2.57 14.73
C VAL A 181 -19.89 1.48 15.21
N GLY A 182 -19.74 1.03 16.44
CA GLY A 182 -20.64 0.02 16.94
C GLY A 182 -20.25 -0.58 18.25
N TYR A 183 -20.99 -1.59 18.65
CA TYR A 183 -20.65 -2.37 19.84
C TYR A 183 -21.08 -3.82 19.64
N GLY A 184 -20.50 -4.70 20.41
CA GLY A 184 -20.86 -6.08 20.37
C GLY A 184 -20.59 -6.82 21.66
N MET A 185 -20.84 -8.12 21.64
CA MET A 185 -20.53 -8.99 22.74
C MET A 185 -20.15 -10.38 22.23
N LYS A 186 -19.08 -10.95 22.78
CA LYS A 186 -18.81 -12.35 22.59
C LYS A 186 -18.52 -13.08 23.87
N ASP A 187 -18.72 -14.39 23.81
CA ASP A 187 -18.39 -15.28 24.90
C ASP A 187 -16.97 -15.77 24.78
N ILE A 188 -16.19 -15.57 25.82
CA ILE A 188 -14.78 -15.92 25.82
C ILE A 188 -14.49 -16.76 27.07
N TYR A 189 -13.76 -17.85 26.89
CA TYR A 189 -13.35 -18.70 27.99
C TYR A 189 -12.29 -17.99 28.82
N ASN A 190 -12.49 -17.97 30.14
CA ASN A 190 -11.53 -17.42 31.09
C ASN A 190 -10.61 -18.57 31.61
N GLU A 191 -9.30 -18.43 31.39
CA GLU A 191 -8.33 -19.57 31.32
C GLU A 191 -8.47 -20.75 32.32
N ASP A 192 -8.84 -20.61 33.60
CA ASP A 192 -8.54 -19.56 34.61
C ASP A 192 -9.64 -19.47 35.68
N THR A 193 -10.80 -18.86 35.39
CA THR A 193 -12.02 -19.13 36.20
C THR A 193 -12.72 -20.40 35.71
N GLY A 194 -12.27 -20.94 34.58
CA GLY A 194 -12.85 -22.16 34.00
C GLY A 194 -14.30 -22.00 33.52
N ARG A 195 -14.70 -20.76 33.25
CA ARG A 195 -16.06 -20.42 32.87
C ARG A 195 -16.01 -19.59 31.60
N MET A 196 -17.03 -19.71 30.75
CA MET A 196 -17.20 -18.73 29.69
C MET A 196 -17.63 -17.43 30.39
N GLU A 197 -17.15 -16.28 29.90
CA GLU A 197 -17.56 -14.98 30.38
C GLU A 197 -17.96 -14.11 29.19
N LYS A 198 -19.03 -13.34 29.35
CA LYS A 198 -19.40 -12.32 28.36
C LYS A 198 -18.38 -11.21 28.29
N PHE A 199 -17.97 -10.91 27.06
CA PHE A 199 -17.00 -9.88 26.75
C PHE A 199 -17.70 -8.86 25.89
N TYR A 200 -17.97 -7.69 26.47
CA TYR A 200 -18.60 -6.56 25.78
C TYR A 200 -17.52 -5.63 25.26
N TYR A 201 -17.77 -5.06 24.09
CA TYR A 201 -16.75 -4.25 23.44
C TYR A 201 -17.35 -3.20 22.52
N TYR A 202 -16.60 -2.12 22.36
CA TYR A 202 -16.84 -1.13 21.29
C TYR A 202 -15.99 -1.47 20.08
N ILE A 203 -16.45 -1.02 18.91
CA ILE A 203 -15.78 -1.28 17.63
C ILE A 203 -15.31 0.08 17.17
N ILE A 204 -13.99 0.22 17.03
CA ILE A 204 -13.31 1.47 16.66
C ILE A 204 -12.76 1.35 15.25
N LYS A 205 -13.13 2.32 14.40
CA LYS A 205 -12.55 2.54 13.08
C LYS A 205 -11.33 3.49 13.23
N ASN A 206 -10.15 3.00 12.85
CA ASN A 206 -8.92 3.78 12.84
C ASN A 206 -8.66 4.28 11.40
N SER A 207 -7.64 5.14 11.28
CA SER A 207 -7.28 5.78 10.01
C SER A 207 -5.82 5.56 9.68
N TRP A 208 -5.35 4.34 9.96
CA TRP A 208 -3.99 3.92 9.63
C TRP A 208 -3.98 2.83 8.53
N GLY A 209 -5.02 2.78 7.71
CA GLY A 209 -5.12 1.82 6.63
C GLY A 209 -5.75 0.49 7.02
N SER A 210 -6.07 -0.28 6.00
CA SER A 210 -6.68 -1.60 6.15
C SER A 210 -5.75 -2.65 6.66
N ASP A 211 -4.46 -2.42 6.53
CA ASP A 211 -3.43 -3.32 7.04
CA ASP A 211 -3.43 -3.31 7.05
C ASP A 211 -3.00 -2.95 8.48
N TRP A 212 -3.86 -2.28 9.23
CA TRP A 212 -3.65 -2.10 10.67
C TRP A 212 -4.83 -2.85 11.31
N GLY A 213 -4.56 -3.56 12.41
CA GLY A 213 -5.63 -4.11 13.23
C GLY A 213 -6.41 -5.17 12.49
N GLU A 214 -7.73 -5.13 12.63
CA GLU A 214 -8.62 -6.06 11.91
C GLU A 214 -9.34 -5.36 10.77
N GLY A 215 -8.74 -5.34 9.59
CA GLY A 215 -9.23 -4.51 8.46
C GLY A 215 -9.34 -3.02 8.74
N GLY A 216 -8.50 -2.51 9.65
CA GLY A 216 -8.52 -1.11 10.06
C GLY A 216 -9.26 -0.78 11.35
N TYR A 217 -9.85 -1.81 11.96
CA TYR A 217 -10.66 -1.74 13.17
C TYR A 217 -10.02 -2.44 14.40
N ILE A 218 -10.48 -2.03 15.58
CA ILE A 218 -10.11 -2.69 16.85
C ILE A 218 -11.35 -2.80 17.78
N ASN A 219 -11.52 -3.93 18.44
CA ASN A 219 -12.54 -4.09 19.46
C ASN A 219 -11.88 -3.81 20.82
N LEU A 220 -12.47 -2.88 21.57
CA LEU A 220 -11.92 -2.47 22.88
C LEU A 220 -12.96 -2.73 23.96
N GLU A 221 -12.53 -3.33 25.06
CA GLU A 221 -13.45 -3.73 26.11
C GLU A 221 -14.32 -2.64 26.73
N THR A 222 -15.58 -3.00 26.97
CA THR A 222 -16.49 -2.19 27.75
C THR A 222 -17.28 -3.11 28.67
N ASP A 223 -18.44 -2.65 29.17
CA ASP A 223 -19.37 -3.45 29.97
C ASP A 223 -20.76 -3.40 29.33
N GLU A 224 -21.73 -4.10 29.93
CA GLU A 224 -23.06 -4.19 29.36
C GLU A 224 -23.71 -2.85 29.23
N ASN A 225 -23.57 -2.03 30.26
CA ASN A 225 -23.96 -0.63 30.23
C ASN A 225 -23.26 0.19 29.15
N GLY A 226 -21.99 -0.16 28.89
CA GLY A 226 -21.15 0.56 27.94
C GLY A 226 -20.48 1.79 28.54
N TYR A 227 -20.42 1.85 29.88
CA TYR A 227 -19.81 2.95 30.59
C TYR A 227 -18.29 2.83 30.62
N LYS A 228 -17.81 1.61 30.78
CA LYS A 228 -16.40 1.34 30.89
C LYS A 228 -15.66 1.74 29.63
N LYS A 229 -14.59 2.50 29.85
CA LYS A 229 -13.71 2.99 28.81
C LYS A 229 -12.42 2.20 28.84
N THR A 230 -11.99 1.70 27.70
CA THR A 230 -10.66 1.20 27.50
C THR A 230 -9.90 2.23 26.65
N CYS A 231 -8.67 2.53 27.03
CA CYS A 231 -7.83 3.54 26.40
C CYS A 231 -8.46 4.92 26.37
N SER A 232 -9.21 5.23 27.44
CA SER A 232 -9.94 6.50 27.59
C SER A 232 -10.80 6.91 26.40
N ILE A 233 -11.33 5.95 25.65
CA ILE A 233 -12.13 6.29 24.49
C ILE A 233 -13.31 7.20 24.83
N GLY A 234 -13.48 8.20 23.99
CA GLY A 234 -14.60 9.11 24.09
C GLY A 234 -14.56 10.10 25.23
N THR A 235 -13.38 10.28 25.83
CA THR A 235 -13.16 11.36 26.78
C THR A 235 -13.74 12.64 26.18
N GLU A 236 -13.40 12.89 24.90
CA GLU A 236 -14.15 13.79 24.02
C GLU A 236 -14.91 12.92 23.01
N ALA A 237 -16.18 13.16 22.79
CA ALA A 237 -17.03 12.32 21.93
C ALA A 237 -18.10 13.18 21.32
N TYR A 238 -18.22 13.16 19.98
CA TYR A 238 -19.12 14.05 19.25
C TYR A 238 -19.72 13.40 18.05
N VAL A 239 -20.99 13.70 17.76
CA VAL A 239 -21.66 13.25 16.53
C VAL A 239 -22.08 14.50 15.74
N PRO A 240 -21.75 14.57 14.43
CA PRO A 240 -22.21 15.69 13.59
C PRO A 240 -23.67 15.48 13.14
N LEU A 241 -24.38 16.57 12.90
CA LEU A 241 -25.81 16.45 12.61
C LEU A 241 -26.14 17.19 11.33
N LEU A 242 -26.94 16.54 10.50
CA LEU A 242 -27.42 17.15 9.30
C LEU A 242 -28.77 17.83 9.62
N TYR B 1 11.04 12.75 -34.99
CA TYR B 1 11.68 12.84 -33.62
C TYR B 1 12.62 11.71 -33.28
N GLU B 2 12.78 10.77 -34.19
CA GLU B 2 13.65 9.63 -33.95
C GLU B 2 15.02 9.94 -34.49
N ALA B 3 16.06 9.65 -33.73
CA ALA B 3 17.44 9.72 -34.24
C ALA B 3 17.98 8.29 -34.50
N ASN B 4 19.14 8.19 -35.13
CA ASN B 4 19.70 6.87 -35.42
C ASN B 4 20.74 6.57 -34.34
N TYR B 5 20.72 5.34 -33.86
CA TYR B 5 21.65 4.90 -32.82
C TYR B 5 23.12 5.12 -33.21
N GLU B 6 23.42 4.75 -34.45
CA GLU B 6 24.73 4.83 -35.04
C GLU B 6 25.41 6.19 -34.78
N ASP B 7 24.62 7.27 -34.90
CA ASP B 7 25.09 8.64 -34.72
C ASP B 7 25.09 9.02 -33.25
N VAL B 8 24.07 8.56 -32.53
CA VAL B 8 23.91 8.93 -31.12
C VAL B 8 25.01 8.34 -30.24
N ILE B 9 25.35 7.07 -30.44
CA ILE B 9 26.38 6.42 -29.62
C ILE B 9 27.79 7.04 -29.85
N LYS B 10 28.05 7.58 -31.03
CA LYS B 10 29.29 8.33 -31.28
C LYS B 10 29.42 9.54 -30.33
N LYS B 11 28.29 10.20 -30.04
CA LYS B 11 28.29 11.39 -29.21
C LYS B 11 28.38 11.04 -27.73
N TYR B 12 27.84 9.91 -27.31
CA TYR B 12 27.71 9.62 -25.88
C TYR B 12 28.80 8.73 -25.30
N LYS B 13 29.31 7.77 -26.09
CA LYS B 13 30.41 6.93 -25.68
C LYS B 13 31.72 7.68 -25.85
N PRO B 14 32.52 7.81 -24.77
CA PRO B 14 33.85 8.40 -24.91
C PRO B 14 34.76 7.66 -25.91
N ALA B 15 35.57 8.42 -26.63
CA ALA B 15 36.51 7.90 -27.62
C ALA B 15 37.26 6.64 -27.18
N ASP B 16 37.88 6.68 -26.00
CA ASP B 16 38.71 5.59 -25.52
C ASP B 16 38.01 4.62 -24.55
N ALA B 17 36.67 4.64 -24.51
CA ALA B 17 35.93 3.82 -23.54
C ALA B 17 35.88 2.36 -23.95
N LYS B 18 36.02 1.48 -22.96
CA LYS B 18 35.93 0.03 -23.16
C LYS B 18 34.70 -0.48 -22.40
N LEU B 19 33.78 -1.15 -23.08
CA LEU B 19 32.55 -1.62 -22.42
C LEU B 19 32.83 -2.81 -21.49
N ASP B 20 32.45 -2.67 -20.22
CA ASP B 20 32.36 -3.81 -19.29
C ASP B 20 31.05 -4.53 -19.54
N ARG B 21 31.13 -5.75 -20.09
CA ARG B 21 29.94 -6.55 -20.42
C ARG B 21 29.41 -7.44 -19.30
N ILE B 22 30.09 -7.46 -18.17
CA ILE B 22 29.69 -8.33 -17.07
C ILE B 22 28.57 -7.68 -16.27
N ALA B 23 28.79 -6.45 -15.82
CA ALA B 23 27.85 -5.83 -14.88
C ALA B 23 27.84 -4.31 -14.94
N TYR B 24 26.64 -3.75 -15.00
CA TYR B 24 26.43 -2.31 -14.79
C TYR B 24 24.97 -2.07 -14.40
N ASP B 25 24.78 -1.32 -13.32
CA ASP B 25 23.49 -1.18 -12.68
C ASP B 25 23.28 0.29 -12.34
N TRP B 26 22.32 0.92 -13.03
CA TRP B 26 22.03 2.33 -12.88
C TRP B 26 21.48 2.71 -11.50
N ARG B 27 20.99 1.71 -10.77
CA ARG B 27 20.57 1.86 -9.35
C ARG B 27 21.71 2.20 -8.41
N LEU B 28 22.92 1.87 -8.83
CA LEU B 28 24.09 2.15 -8.08
C LEU B 28 24.72 3.49 -8.51
N HIS B 29 24.19 4.11 -9.55
CA HIS B 29 24.81 5.29 -10.11
C HIS B 29 23.89 6.49 -10.32
N GLY B 30 22.78 6.50 -9.58
CA GLY B 30 21.88 7.63 -9.52
C GLY B 30 20.97 7.78 -10.73
N GLY B 31 20.83 6.72 -11.53
CA GLY B 31 20.07 6.76 -12.78
C GLY B 31 18.65 6.21 -12.72
N VAL B 32 18.18 5.87 -11.53
CA VAL B 32 16.89 5.15 -11.39
C VAL B 32 16.05 5.75 -10.26
N THR B 33 14.79 6.07 -10.59
CA THR B 33 13.89 6.73 -9.68
C THR B 33 13.03 5.65 -9.03
N PRO B 34 12.33 6.00 -7.93
CA PRO B 34 11.53 4.99 -7.24
C PRO B 34 10.56 4.24 -8.12
N VAL B 35 10.24 3.00 -7.75
CA VAL B 35 9.20 2.26 -8.48
C VAL B 35 7.80 2.81 -8.19
N LYS B 36 7.00 2.84 -9.24
CA LYS B 36 5.62 3.28 -9.18
C LYS B 36 4.67 2.07 -9.34
N ASP B 37 3.40 2.34 -9.16
CA ASP B 37 2.36 1.34 -9.24
C ASP B 37 1.24 1.83 -10.17
N GLN B 38 0.98 1.13 -11.26
CA GLN B 38 -0.05 1.58 -12.18
C GLN B 38 -1.50 1.29 -11.68
N ALA B 39 -1.63 0.56 -10.57
CA ALA B 39 -2.91 0.11 -10.04
C ALA B 39 -3.76 -0.52 -11.17
N LEU B 40 -5.09 -0.39 -11.16
CA LEU B 40 -5.92 -1.17 -12.11
C LEU B 40 -6.16 -0.33 -13.36
N CYS B 41 -5.13 -0.31 -14.21
CA CYS B 41 -5.09 0.53 -15.41
C CYS B 41 -3.97 0.03 -16.33
N GLY B 42 -4.22 -0.01 -17.63
CA GLY B 42 -3.22 -0.50 -18.62
C GLY B 42 -2.29 0.57 -19.16
N SER B 43 -1.79 1.38 -18.24
CA SER B 43 -0.95 2.51 -18.52
C SER B 43 0.53 2.19 -18.44
N CYS B 44 0.90 0.91 -18.55
CA CYS B 44 2.30 0.52 -18.58
C CYS B 44 3.17 1.30 -19.57
N TRP B 45 2.62 1.59 -20.73
CA TRP B 45 3.30 2.34 -21.79
C TRP B 45 3.70 3.73 -21.33
N ALA B 46 2.89 4.31 -20.44
CA ALA B 46 3.20 5.60 -19.85
C ALA B 46 4.28 5.51 -18.74
N PHE B 47 4.20 4.50 -17.91
CA PHE B 47 5.20 4.28 -16.87
C PHE B 47 6.57 3.97 -17.46
N SER B 48 6.60 3.14 -18.50
CA SER B 48 7.85 2.80 -19.17
C SER B 48 8.49 4.04 -19.75
N SER B 49 7.72 4.76 -20.55
CA SER B 49 8.26 5.85 -21.31
C SER B 49 8.64 7.01 -20.39
N VAL B 50 7.73 7.38 -19.50
CA VAL B 50 8.00 8.46 -18.52
C VAL B 50 9.16 8.11 -17.57
N GLY B 51 9.18 6.87 -17.06
CA GLY B 51 10.30 6.42 -16.24
C GLY B 51 11.65 6.53 -16.94
N SER B 52 11.67 6.27 -18.25
CA SER B 52 12.92 6.38 -19.01
C SER B 52 13.38 7.84 -19.10
N VAL B 53 12.42 8.76 -19.15
CA VAL B 53 12.68 10.20 -19.13
C VAL B 53 13.14 10.65 -17.73
N GLU B 54 12.45 10.20 -16.69
CA GLU B 54 12.94 10.41 -15.33
C GLU B 54 14.41 9.99 -15.19
N SER B 55 14.75 8.80 -15.65
CA SER B 55 16.13 8.33 -15.58
C SER B 55 17.13 9.21 -16.35
N GLN B 56 16.76 9.62 -17.56
CA GLN B 56 17.60 10.49 -18.37
C GLN B 56 17.89 11.84 -17.68
N TYR B 57 16.85 12.49 -17.15
CA TYR B 57 17.04 13.69 -16.28
C TYR B 57 17.92 13.43 -15.02
N ALA B 58 17.77 12.28 -14.36
CA ALA B 58 18.63 12.00 -13.21
C ALA B 58 20.10 11.96 -13.67
N ILE B 59 20.35 11.23 -14.74
CA ILE B 59 21.69 11.01 -15.25
C ILE B 59 22.28 12.31 -15.79
N ARG B 60 21.53 13.00 -16.66
CA ARG B 60 22.07 14.20 -17.30
C ARG B 60 22.03 15.39 -16.41
N LYS B 61 21.06 15.47 -15.51
CA LYS B 61 20.97 16.66 -14.67
C LYS B 61 21.38 16.47 -13.21
N LYS B 62 21.58 15.22 -12.79
CA LYS B 62 22.03 14.92 -11.43
C LYS B 62 21.14 15.64 -10.39
N ALA B 63 19.84 15.36 -10.49
CA ALA B 63 18.86 15.83 -9.52
C ALA B 63 17.63 14.96 -9.74
N LEU B 64 16.68 15.05 -8.82
CA LEU B 64 15.52 14.21 -8.81
C LEU B 64 14.37 14.90 -9.53
N PHE B 65 13.91 14.26 -10.60
CA PHE B 65 12.80 14.74 -11.40
C PHE B 65 11.77 13.65 -11.39
N LEU B 66 10.58 13.94 -10.88
CA LEU B 66 9.46 12.99 -10.89
C LEU B 66 8.33 13.53 -11.74
N PHE B 67 7.92 12.75 -12.76
CA PHE B 67 6.99 13.22 -13.77
C PHE B 67 5.65 12.52 -13.76
N SER B 68 4.70 13.13 -14.43
CA SER B 68 3.34 12.64 -14.41
C SER B 68 3.00 11.63 -15.51
N GLU B 69 2.73 10.38 -15.14
CA GLU B 69 2.13 9.44 -16.11
C GLU B 69 0.69 9.82 -16.44
N GLN B 70 0.00 10.45 -15.49
CA GLN B 70 -1.41 10.75 -15.67
C GLN B 70 -1.63 11.74 -16.82
N GLU B 71 -0.76 12.72 -16.92
CA GLU B 71 -0.82 13.66 -18.00
C GLU B 71 -0.78 13.00 -19.38
N LEU B 72 0.08 12.01 -19.59
CA LEU B 72 0.05 11.23 -20.83
C LEU B 72 -1.23 10.41 -20.99
N VAL B 73 -1.65 9.76 -19.94
CA VAL B 73 -2.90 8.99 -19.97
C VAL B 73 -4.08 9.88 -20.43
N ASP B 74 -4.19 11.07 -19.84
CA ASP B 74 -5.27 11.97 -20.15
C ASP B 74 -5.10 12.67 -21.47
N CYS B 75 -3.85 13.04 -21.84
CA CYS B 75 -3.62 13.96 -22.97
C CYS B 75 -3.01 13.39 -24.28
N SER B 76 -2.42 12.20 -24.22
CA SER B 76 -1.79 11.57 -25.35
C SER B 76 -2.86 10.96 -26.23
N VAL B 77 -3.27 11.72 -27.24
CA VAL B 77 -4.30 11.28 -28.17
C VAL B 77 -3.82 10.14 -29.09
N LYS B 78 -2.50 9.97 -29.21
CA LYS B 78 -1.97 8.85 -29.99
C LYS B 78 -2.06 7.50 -29.27
N ASN B 79 -2.38 7.53 -27.98
CA ASN B 79 -2.51 6.34 -27.16
C ASN B 79 -3.94 6.20 -26.64
N ASN B 80 -4.22 5.12 -25.91
CA ASN B 80 -5.60 4.81 -25.50
C ASN B 80 -5.77 4.78 -23.96
N GLY B 81 -5.07 5.67 -23.26
CA GLY B 81 -5.15 5.73 -21.79
C GLY B 81 -4.93 4.39 -21.11
N CYS B 82 -5.92 3.91 -20.35
CA CYS B 82 -5.85 2.64 -19.62
C CYS B 82 -6.05 1.40 -20.52
N TYR B 83 -6.50 1.63 -21.74
CA TYR B 83 -6.68 0.55 -22.70
C TYR B 83 -5.40 0.19 -23.46
N GLY B 84 -4.35 0.97 -23.32
CA GLY B 84 -3.05 0.62 -23.87
C GLY B 84 -2.44 1.69 -24.75
N GLY B 85 -1.23 1.44 -25.21
CA GLY B 85 -0.48 2.39 -26.00
C GLY B 85 0.87 1.88 -26.46
N TYR B 86 1.70 2.79 -26.96
CA TYR B 86 2.95 2.45 -27.61
C TYR B 86 4.04 3.36 -27.10
N ILE B 87 5.25 2.84 -27.01
CA ILE B 87 6.40 3.61 -26.55
C ILE B 87 6.68 4.81 -27.47
N THR B 88 6.74 4.57 -28.78
CA THR B 88 7.02 5.66 -29.72
C THR B 88 5.94 6.74 -29.68
N ASN B 89 4.67 6.32 -29.73
CA ASN B 89 3.52 7.24 -29.63
C ASN B 89 3.61 8.14 -28.41
N ALA B 90 3.93 7.55 -27.27
CA ALA B 90 4.14 8.29 -26.02
C ALA B 90 5.25 9.37 -26.12
N PHE B 91 6.44 9.02 -26.64
CA PHE B 91 7.50 10.02 -26.80
C PHE B 91 7.08 11.11 -27.77
N ASP B 92 6.44 10.72 -28.89
CA ASP B 92 5.94 11.71 -29.87
C ASP B 92 5.01 12.73 -29.23
N ASP B 93 4.06 12.25 -28.45
CA ASP B 93 3.16 13.15 -27.69
C ASP B 93 3.83 13.91 -26.56
N MET B 94 4.84 13.35 -25.90
CA MET B 94 5.61 14.16 -24.96
C MET B 94 6.13 15.43 -25.67
N ILE B 95 6.69 15.24 -26.87
CA ILE B 95 7.24 16.34 -27.65
C ILE B 95 6.12 17.30 -28.11
N ASP B 96 5.15 16.79 -28.88
CA ASP B 96 4.04 17.62 -29.41
C ASP B 96 3.21 18.33 -28.35
N LEU B 97 3.00 17.72 -27.20
CA LEU B 97 2.23 18.37 -26.10
C LEU B 97 3.01 19.48 -25.40
N GLY B 98 4.32 19.58 -25.63
CA GLY B 98 5.10 20.63 -24.94
C GLY B 98 5.75 20.21 -23.63
N GLY B 99 5.82 18.91 -23.38
CA GLY B 99 6.62 18.42 -22.26
C GLY B 99 5.80 17.68 -21.25
N LEU B 100 6.51 17.11 -20.27
CA LEU B 100 5.89 16.39 -19.16
C LEU B 100 5.59 17.38 -18.03
N CYS B 101 4.65 17.02 -17.16
CA CYS B 101 4.39 17.71 -15.89
C CYS B 101 5.08 16.99 -14.74
N SER B 102 5.33 17.72 -13.65
CA SER B 102 5.79 17.09 -12.42
C SER B 102 4.67 16.22 -11.87
N GLN B 103 5.06 15.19 -11.15
CA GLN B 103 4.14 14.28 -10.51
C GLN B 103 3.20 14.97 -9.53
N ASP B 104 3.72 15.90 -8.73
CA ASP B 104 2.89 16.64 -7.79
C ASP B 104 1.88 17.60 -8.44
N ASP B 105 2.19 18.20 -9.58
CA ASP B 105 1.21 19.03 -10.27
C ASP B 105 0.06 18.21 -10.89
N TYR B 106 0.36 16.98 -11.24
CA TYR B 106 -0.60 16.19 -12.03
C TYR B 106 -0.57 14.75 -11.54
N PRO B 107 -1.13 14.52 -10.34
CA PRO B 107 -1.03 13.21 -9.68
C PRO B 107 -1.78 12.08 -10.38
N TYR B 108 -1.38 10.86 -10.06
CA TYR B 108 -1.90 9.67 -10.71
C TYR B 108 -3.25 9.25 -10.16
N VAL B 109 -4.26 9.04 -11.02
CA VAL B 109 -5.59 8.56 -10.58
C VAL B 109 -6.06 7.27 -11.30
N SER B 110 -5.14 6.58 -11.97
CA SER B 110 -5.36 5.31 -12.68
C SER B 110 -6.59 5.26 -13.58
N ASN B 111 -7.56 4.38 -13.25
CA ASN B 111 -8.77 4.20 -14.07
C ASN B 111 -9.86 5.26 -13.88
N LEU B 112 -9.66 6.23 -12.99
CA LEU B 112 -10.59 7.32 -12.80
C LEU B 112 -10.58 8.26 -14.01
N PRO B 113 -11.73 8.39 -14.70
CA PRO B 113 -11.71 9.26 -15.88
C PRO B 113 -11.40 10.73 -15.53
N GLU B 114 -10.51 11.35 -16.31
CA GLU B 114 -10.01 12.68 -16.02
C GLU B 114 -9.75 13.42 -17.34
N THR B 115 -10.25 14.64 -17.45
CA THR B 115 -10.02 15.46 -18.64
C THR B 115 -8.58 15.89 -18.66
N CYS B 116 -8.07 16.12 -19.87
CA CYS B 116 -6.76 16.67 -20.06
C CYS B 116 -6.79 18.15 -19.73
N ASN B 117 -5.94 18.58 -18.80
CA ASN B 117 -5.89 19.97 -18.39
C ASN B 117 -4.47 20.41 -18.01
N LEU B 118 -3.75 20.88 -19.02
CA LEU B 118 -2.35 21.26 -18.86
C LEU B 118 -2.17 22.58 -18.14
N LYS B 119 -3.27 23.31 -17.94
CA LYS B 119 -3.25 24.50 -17.11
C LYS B 119 -2.96 24.16 -15.64
N ARG B 120 -3.15 22.91 -15.24
CA ARG B 120 -2.71 22.43 -13.92
C ARG B 120 -1.17 22.33 -13.77
N CYS B 121 -0.43 22.26 -14.89
CA CYS B 121 1.03 22.20 -14.88
C CYS B 121 1.67 23.56 -14.76
N ASN B 122 2.57 23.73 -13.82
CA ASN B 122 3.33 24.97 -13.71
C ASN B 122 4.55 24.85 -14.61
N GLU B 123 5.59 24.14 -14.20
CA GLU B 123 6.75 23.92 -15.05
C GLU B 123 6.56 22.69 -15.97
N ARG B 124 7.26 22.69 -17.10
CA ARG B 124 7.17 21.62 -18.09
C ARG B 124 8.54 21.11 -18.44
N TYR B 125 8.63 19.84 -18.74
CA TYR B 125 9.92 19.21 -18.89
C TYR B 125 9.92 18.45 -20.19
N THR B 126 10.75 18.95 -21.13
CA THR B 126 10.76 18.46 -22.49
C THR B 126 11.84 17.37 -22.67
N ILE B 127 11.69 16.60 -23.75
CA ILE B 127 12.78 15.81 -24.33
C ILE B 127 13.01 16.33 -25.75
N LYS B 128 14.19 16.04 -26.30
CA LYS B 128 14.54 16.54 -27.62
C LYS B 128 14.21 15.54 -28.73
N SER B 129 14.50 14.27 -28.47
CA SER B 129 14.30 13.21 -29.43
C SER B 129 14.33 11.87 -28.69
N TYR B 130 14.29 10.78 -29.45
CA TYR B 130 14.50 9.46 -28.89
C TYR B 130 15.15 8.58 -29.94
N VAL B 131 15.78 7.51 -29.47
CA VAL B 131 16.55 6.64 -30.33
C VAL B 131 16.23 5.18 -30.07
N SER B 132 15.96 4.45 -31.16
CA SER B 132 15.75 3.02 -31.16
C SER B 132 17.08 2.30 -30.92
N ILE B 133 17.06 1.34 -30.00
CA ILE B 133 18.23 0.55 -29.65
C ILE B 133 18.20 -0.80 -30.35
N PRO B 134 19.19 -1.09 -31.23
CA PRO B 134 19.24 -2.39 -31.87
C PRO B 134 19.36 -3.53 -30.87
N ASP B 135 18.85 -4.70 -31.24
CA ASP B 135 18.83 -5.83 -30.31
C ASP B 135 20.20 -6.37 -29.91
N ASP B 136 21.23 -6.10 -30.73
CA ASP B 136 22.62 -6.48 -30.41
C ASP B 136 23.43 -5.43 -29.63
N LYS B 137 22.76 -4.40 -29.11
CA LYS B 137 23.43 -3.21 -28.53
C LYS B 137 22.90 -2.78 -27.17
N PHE B 138 22.14 -3.62 -26.49
CA PHE B 138 21.52 -3.24 -25.21
C PHE B 138 22.50 -2.88 -24.09
N LYS B 139 23.60 -3.62 -23.92
CA LYS B 139 24.56 -3.31 -22.85
C LYS B 139 25.30 -2.00 -23.10
N GLU B 140 25.70 -1.79 -24.33
CA GLU B 140 26.35 -0.56 -24.76
C GLU B 140 25.44 0.66 -24.58
N ALA B 141 24.20 0.55 -25.06
CA ALA B 141 23.17 1.58 -24.88
C ALA B 141 22.89 1.87 -23.41
N LEU B 142 22.65 0.82 -22.66
CA LEU B 142 22.48 0.95 -21.21
C LEU B 142 23.68 1.65 -20.55
N ARG B 143 24.90 1.25 -20.87
CA ARG B 143 26.07 1.87 -20.23
C ARG B 143 26.24 3.37 -20.58
N TYR B 144 26.09 3.72 -21.85
CA TYR B 144 26.45 5.08 -22.30
C TYR B 144 25.27 6.00 -22.53
N LEU B 145 24.09 5.44 -22.77
CA LEU B 145 22.90 6.26 -23.03
C LEU B 145 21.99 6.36 -21.80
N GLY B 146 21.69 5.22 -21.19
CA GLY B 146 20.89 5.18 -20.01
C GLY B 146 19.86 4.08 -20.09
N PRO B 147 19.01 3.98 -19.07
CA PRO B 147 17.92 3.01 -19.09
C PRO B 147 17.02 3.09 -20.33
N ILE B 148 16.49 1.93 -20.72
CA ILE B 148 15.78 1.76 -21.98
C ILE B 148 14.33 1.40 -21.72
N SER B 149 13.44 2.13 -22.36
CA SER B 149 12.04 1.79 -22.41
C SER B 149 11.87 0.64 -23.40
N ILE B 150 11.39 -0.51 -22.91
CA ILE B 150 11.31 -1.72 -23.69
C ILE B 150 9.92 -2.36 -23.56
N SER B 151 9.49 -3.04 -24.62
CA SER B 151 8.33 -3.94 -24.57
C SER B 151 8.75 -5.27 -23.97
N ILE B 152 7.80 -6.04 -23.51
CA ILE B 152 8.06 -7.36 -22.95
C ILE B 152 6.80 -8.20 -23.20
N ALA B 153 6.98 -9.50 -23.39
CA ALA B 153 5.85 -10.44 -23.46
C ALA B 153 5.64 -11.06 -22.07
N ALA B 154 4.73 -10.48 -21.31
CA ALA B 154 4.44 -10.86 -19.92
C ALA B 154 3.41 -11.97 -19.83
N SER B 155 3.67 -12.94 -18.97
CA SER B 155 2.77 -14.06 -18.70
C SER B 155 2.10 -13.86 -17.36
N ASP B 156 1.25 -14.83 -16.98
CA ASP B 156 0.66 -14.89 -15.64
C ASP B 156 1.72 -15.16 -14.59
N ASP B 157 2.69 -16.01 -14.94
CA ASP B 157 3.83 -16.30 -14.07
C ASP B 157 4.58 -15.04 -13.73
N PHE B 158 4.69 -14.16 -14.71
CA PHE B 158 5.35 -12.86 -14.56
C PHE B 158 4.49 -11.98 -13.66
N ALA B 159 3.17 -12.03 -13.86
CA ALA B 159 2.22 -11.25 -13.07
C ALA B 159 2.33 -11.57 -11.58
N PHE B 160 2.48 -12.85 -11.25
CA PHE B 160 2.46 -13.35 -9.86
C PHE B 160 3.83 -13.59 -9.27
N TYR B 161 4.85 -13.12 -9.96
CA TYR B 161 6.21 -13.21 -9.49
C TYR B 161 6.50 -12.37 -8.22
N ARG B 162 7.01 -13.05 -7.20
CA ARG B 162 7.28 -12.42 -5.94
C ARG B 162 8.72 -12.55 -5.48
N GLY B 163 9.61 -12.81 -6.43
CA GLY B 163 11.05 -12.71 -6.18
C GLY B 163 11.66 -14.09 -6.24
N GLY B 164 12.97 -14.14 -6.14
CA GLY B 164 13.71 -15.40 -6.31
C GLY B 164 14.08 -15.54 -7.77
N PHE B 165 14.63 -16.70 -8.10
CA PHE B 165 15.18 -16.95 -9.43
C PHE B 165 14.01 -17.21 -10.36
N TYR B 166 13.85 -16.40 -11.41
CA TYR B 166 12.69 -16.55 -12.27
C TYR B 166 12.77 -17.79 -13.17
N ASP B 167 11.78 -18.68 -13.05
CA ASP B 167 11.63 -19.88 -13.88
C ASP B 167 10.29 -19.94 -14.65
N GLY B 168 9.60 -18.80 -14.78
CA GLY B 168 8.25 -18.77 -15.36
C GLY B 168 8.19 -18.78 -16.88
N GLU B 169 6.99 -18.95 -17.42
CA GLU B 169 6.74 -18.90 -18.85
C GLU B 169 6.78 -17.46 -19.34
N CYS B 170 6.90 -17.30 -20.65
CA CYS B 170 6.81 -15.99 -21.29
C CYS B 170 5.50 -15.88 -22.02
N GLY B 171 5.09 -14.67 -22.35
CA GLY B 171 3.83 -14.46 -23.07
C GLY B 171 4.03 -14.76 -24.54
N ALA B 172 2.94 -14.80 -25.30
CA ALA B 172 3.04 -15.02 -26.76
C ALA B 172 3.62 -13.72 -27.36
N ALA B 173 2.82 -12.66 -27.27
CA ALA B 173 3.10 -11.41 -27.93
C ALA B 173 3.51 -10.38 -26.90
N PRO B 174 4.24 -9.34 -27.32
CA PRO B 174 4.52 -8.22 -26.44
C PRO B 174 3.20 -7.60 -26.02
N ASN B 175 3.07 -7.38 -24.71
CA ASN B 175 1.81 -6.94 -24.13
C ASN B 175 2.00 -5.97 -22.95
N HIS B 176 3.24 -5.56 -22.72
CA HIS B 176 3.64 -4.80 -21.55
C HIS B 176 4.90 -3.99 -21.92
N ALA B 177 5.16 -2.97 -21.11
CA ALA B 177 6.23 -2.04 -21.30
C ALA B 177 6.82 -1.85 -19.92
N VAL B 178 8.15 -1.99 -19.88
CA VAL B 178 8.94 -1.90 -18.66
C VAL B 178 10.20 -1.13 -19.03
N ILE B 179 11.17 -1.10 -18.12
CA ILE B 179 12.44 -0.37 -18.33
C ILE B 179 13.65 -1.28 -17.98
N LEU B 180 14.66 -1.29 -18.86
CA LEU B 180 15.92 -1.98 -18.54
C LEU B 180 16.81 -0.96 -17.84
N VAL B 181 17.31 -1.30 -16.66
CA VAL B 181 18.10 -0.37 -15.89
C VAL B 181 19.52 -0.86 -15.66
N GLY B 182 19.82 -2.06 -16.13
CA GLY B 182 21.16 -2.59 -15.96
C GLY B 182 21.32 -4.01 -16.40
N TYR B 183 22.51 -4.54 -16.14
CA TYR B 183 22.81 -5.96 -16.34
C TYR B 183 23.77 -6.43 -15.27
N GLY B 184 23.82 -7.73 -15.11
CA GLY B 184 24.76 -8.33 -14.18
C GLY B 184 25.06 -9.78 -14.43
N MET B 185 25.86 -10.34 -13.54
CA MET B 185 26.27 -11.74 -13.63
C MET B 185 26.48 -12.31 -12.24
N LYS B 186 25.84 -13.45 -11.94
CA LYS B 186 26.22 -14.24 -10.76
C LYS B 186 26.43 -15.74 -11.12
N ASP B 187 27.15 -16.45 -10.27
CA ASP B 187 27.26 -17.91 -10.39
C ASP B 187 26.03 -18.61 -9.81
N ILE B 188 25.37 -19.41 -10.65
CA ILE B 188 24.15 -20.13 -10.30
C ILE B 188 24.32 -21.60 -10.73
N TYR B 189 24.00 -22.54 -9.84
CA TYR B 189 24.07 -23.96 -10.18
C TYR B 189 23.14 -24.26 -11.33
N ASN B 190 23.68 -24.92 -12.35
CA ASN B 190 23.00 -25.26 -13.59
C ASN B 190 22.71 -26.76 -13.62
N GLU B 191 21.43 -27.11 -13.66
CA GLU B 191 20.98 -28.48 -13.40
C GLU B 191 21.12 -29.35 -14.67
N ASP B 192 21.07 -28.74 -15.85
CA ASP B 192 21.33 -29.46 -17.11
C ASP B 192 22.84 -29.69 -17.36
N THR B 193 23.68 -29.09 -16.50
CA THR B 193 25.13 -29.13 -16.61
C THR B 193 25.80 -29.78 -15.36
N GLY B 194 25.08 -29.80 -14.24
CA GLY B 194 25.56 -30.38 -12.98
C GLY B 194 26.66 -29.63 -12.23
N ARG B 195 26.80 -28.34 -12.53
CA ARG B 195 27.76 -27.48 -11.83
C ARG B 195 27.38 -25.98 -11.89
N MET B 196 28.18 -25.18 -11.19
CA MET B 196 28.03 -23.74 -11.16
C MET B 196 28.39 -23.20 -12.56
N GLU B 197 27.54 -22.33 -13.11
CA GLU B 197 27.78 -21.64 -14.39
C GLU B 197 27.53 -20.14 -14.21
N LYS B 198 28.20 -19.33 -15.02
CA LYS B 198 27.94 -17.90 -15.08
C LYS B 198 26.52 -17.70 -15.59
N PHE B 199 25.78 -16.84 -14.91
CA PHE B 199 24.41 -16.54 -15.30
C PHE B 199 24.33 -15.02 -15.46
N TYR B 200 24.18 -14.62 -16.72
CA TYR B 200 24.06 -13.25 -17.10
C TYR B 200 22.57 -12.88 -17.18
N TYR B 201 22.28 -11.65 -16.78
CA TYR B 201 20.90 -11.18 -16.73
C TYR B 201 20.75 -9.66 -16.99
N TYR B 202 19.58 -9.29 -17.45
CA TYR B 202 19.18 -7.89 -17.49
C TYR B 202 18.35 -7.64 -16.26
N ILE B 203 18.42 -6.41 -15.77
CA ILE B 203 17.64 -5.94 -14.62
C ILE B 203 16.51 -5.04 -15.17
N ILE B 204 15.27 -5.44 -14.88
CA ILE B 204 14.05 -4.84 -15.38
C ILE B 204 13.28 -4.16 -14.24
N LYS B 205 12.96 -2.87 -14.43
CA LYS B 205 12.07 -2.12 -13.53
C LYS B 205 10.64 -2.24 -14.02
N ASN B 206 9.77 -2.83 -13.23
CA ASN B 206 8.36 -2.90 -13.52
C ASN B 206 7.60 -1.74 -12.80
N SER B 207 6.31 -1.60 -13.12
CA SER B 207 5.45 -0.57 -12.57
C SER B 207 4.23 -1.14 -11.86
N TRP B 208 4.43 -2.20 -11.10
CA TRP B 208 3.36 -2.81 -10.33
C TRP B 208 3.64 -2.70 -8.84
N GLY B 209 4.33 -1.65 -8.45
CA GLY B 209 4.62 -1.42 -7.05
C GLY B 209 5.84 -2.16 -6.56
N SER B 210 6.37 -1.73 -5.42
CA SER B 210 7.58 -2.33 -4.91
C SER B 210 7.31 -3.68 -4.18
N ASP B 211 6.05 -4.04 -4.02
CA ASP B 211 5.63 -5.38 -3.61
C ASP B 211 5.51 -6.41 -4.73
N TRP B 212 5.87 -6.08 -5.94
CA TRP B 212 5.95 -7.08 -6.98
C TRP B 212 7.43 -7.45 -7.09
N GLY B 213 7.73 -8.71 -7.37
CA GLY B 213 9.09 -9.15 -7.61
C GLY B 213 10.07 -8.80 -6.51
N GLU B 214 11.22 -8.25 -6.89
CA GLU B 214 12.28 -7.95 -5.96
C GLU B 214 12.38 -6.46 -5.83
N GLY B 215 11.54 -5.89 -4.96
CA GLY B 215 11.47 -4.44 -4.80
C GLY B 215 10.89 -3.71 -6.00
N GLY B 216 10.14 -4.42 -6.83
CA GLY B 216 9.57 -3.90 -8.07
C GLY B 216 10.36 -4.28 -9.32
N TYR B 217 11.46 -5.02 -9.13
CA TYR B 217 12.41 -5.43 -10.18
C TYR B 217 12.37 -6.93 -10.40
N ILE B 218 12.92 -7.34 -11.54
CA ILE B 218 13.16 -8.76 -11.89
C ILE B 218 14.45 -8.88 -12.70
N ASN B 219 15.23 -9.93 -12.43
CA ASN B 219 16.39 -10.29 -13.26
C ASN B 219 15.94 -11.29 -14.32
N LEU B 220 16.20 -10.98 -15.59
CA LEU B 220 15.84 -11.90 -16.72
C LEU B 220 17.09 -12.36 -17.46
N GLU B 221 17.13 -13.64 -17.83
CA GLU B 221 18.36 -14.23 -18.38
C GLU B 221 18.75 -13.68 -19.76
N THR B 222 20.03 -13.37 -19.88
CA THR B 222 20.67 -13.09 -21.17
C THR B 222 21.98 -13.91 -21.29
N ASP B 223 22.90 -13.48 -22.15
CA ASP B 223 24.20 -14.13 -22.34
C ASP B 223 25.24 -13.05 -22.23
N GLU B 224 26.51 -13.40 -22.40
CA GLU B 224 27.59 -12.44 -22.16
C GLU B 224 27.56 -11.22 -23.08
N ASN B 225 27.29 -11.48 -24.36
CA ASN B 225 27.07 -10.42 -25.34
C ASN B 225 25.83 -9.59 -25.12
N GLY B 226 24.82 -10.21 -24.51
CA GLY B 226 23.60 -9.53 -24.14
C GLY B 226 22.58 -9.55 -25.25
N TYR B 227 22.77 -10.45 -26.23
CA TYR B 227 21.85 -10.58 -27.36
C TYR B 227 20.64 -11.41 -27.01
N LYS B 228 20.81 -12.35 -26.10
CA LYS B 228 19.72 -13.23 -25.75
C LYS B 228 18.61 -12.44 -25.03
N LYS B 229 17.39 -12.68 -25.48
CA LYS B 229 16.22 -12.03 -24.99
C LYS B 229 15.42 -13.07 -24.26
N THR B 230 15.02 -12.76 -23.04
CA THR B 230 14.06 -13.57 -22.29
C THR B 230 12.75 -12.78 -22.31
N CYS B 231 11.64 -13.47 -22.58
CA CYS B 231 10.32 -12.87 -22.73
C CYS B 231 10.25 -11.74 -23.75
N SER B 232 11.03 -11.89 -24.82
CA SER B 232 11.03 -10.98 -25.94
C SER B 232 11.40 -9.54 -25.56
N ILE B 233 12.19 -9.35 -24.53
CA ILE B 233 12.53 -8.00 -24.10
C ILE B 233 13.14 -7.14 -25.19
N GLY B 234 12.65 -5.92 -25.29
CA GLY B 234 13.24 -4.93 -26.16
C GLY B 234 13.04 -5.17 -27.64
N THR B 235 12.14 -6.05 -27.99
CA THR B 235 11.63 -6.11 -29.36
C THR B 235 11.34 -4.68 -29.86
N GLU B 236 10.60 -3.87 -29.08
CA GLU B 236 10.66 -2.40 -29.18
C GLU B 236 11.52 -1.87 -28.06
N ALA B 237 12.44 -0.98 -28.35
CA ALA B 237 13.42 -0.53 -27.36
C ALA B 237 13.94 0.88 -27.72
N TYR B 238 13.79 1.82 -26.79
CA TYR B 238 14.09 3.24 -27.05
C TYR B 238 14.59 3.94 -25.81
N VAL B 239 15.55 4.84 -26.01
CA VAL B 239 16.04 5.72 -24.98
C VAL B 239 15.65 7.16 -25.39
N PRO B 240 15.06 7.95 -24.46
CA PRO B 240 14.77 9.37 -24.70
C PRO B 240 16.02 10.25 -24.54
N LEU B 241 16.09 11.34 -25.30
CA LEU B 241 17.30 12.14 -25.30
C LEU B 241 16.98 13.58 -25.05
N LEU B 242 17.83 14.23 -24.28
CA LEU B 242 17.67 15.63 -23.97
C LEU B 242 18.62 16.41 -24.86
N TYR C 1 34.11 -7.02 18.71
CA TYR C 1 33.69 -6.78 17.26
C TYR C 1 33.98 -5.38 16.73
N GLU C 2 34.29 -4.47 17.63
CA GLU C 2 34.58 -3.10 17.28
C GLU C 2 36.08 -2.90 16.97
N ALA C 3 36.38 -2.33 15.80
CA ALA C 3 37.78 -2.00 15.42
C ALA C 3 38.07 -0.54 15.80
N ASN C 4 39.30 -0.11 15.57
CA ASN C 4 39.68 1.27 15.92
C ASN C 4 39.82 2.12 14.69
N TYR C 5 39.29 3.35 14.77
CA TYR C 5 39.25 4.24 13.63
C TYR C 5 40.66 4.56 13.07
N GLU C 6 41.60 4.90 13.95
CA GLU C 6 42.98 5.24 13.55
C GLU C 6 43.64 4.16 12.69
N ASP C 7 43.43 2.90 13.07
CA ASP C 7 43.94 1.78 12.27
C ASP C 7 43.20 1.59 10.99
N VAL C 8 41.87 1.67 11.08
CA VAL C 8 41.02 1.43 9.92
C VAL C 8 41.25 2.48 8.85
N ILE C 9 41.36 3.75 9.21
CA ILE C 9 41.53 4.80 8.22
C ILE C 9 42.89 4.73 7.53
N LYS C 10 43.90 4.17 8.21
CA LYS C 10 45.21 3.88 7.62
C LYS C 10 45.12 2.85 6.50
N LYS C 11 44.37 1.77 6.73
CA LYS C 11 44.21 0.69 5.73
C LYS C 11 43.39 1.15 4.53
N TYR C 12 42.43 2.03 4.76
CA TYR C 12 41.44 2.34 3.72
C TYR C 12 41.79 3.61 2.92
N LYS C 13 42.40 4.60 3.55
CA LYS C 13 42.79 5.82 2.84
C LYS C 13 44.10 5.54 2.07
N PRO C 14 44.09 5.70 0.73
CA PRO C 14 45.37 5.56 0.03
C PRO C 14 46.39 6.56 0.60
N ALA C 15 47.66 6.20 0.61
CA ALA C 15 48.71 7.14 0.96
C ALA C 15 48.76 8.29 -0.09
N ASP C 16 48.92 9.52 0.39
CA ASP C 16 48.96 10.72 -0.47
C ASP C 16 47.61 11.13 -1.11
N ALA C 17 46.51 10.42 -0.80
CA ALA C 17 45.17 10.91 -1.15
C ALA C 17 44.92 12.17 -0.32
N LYS C 18 44.31 13.16 -0.94
CA LYS C 18 43.89 14.38 -0.24
C LYS C 18 42.36 14.48 -0.27
N LEU C 19 41.76 14.85 0.86
CA LEU C 19 40.30 14.86 1.00
C LEU C 19 39.72 16.12 0.38
N ASP C 20 38.81 15.91 -0.57
CA ASP C 20 37.92 16.96 -1.04
C ASP C 20 36.82 17.09 0.02
N ARG C 21 36.81 18.22 0.72
CA ARG C 21 35.84 18.51 1.78
C ARG C 21 34.57 19.19 1.27
N ILE C 22 34.55 19.60 0.01
CA ILE C 22 33.44 20.37 -0.50
C ILE C 22 32.25 19.45 -0.70
N ALA C 23 32.49 18.33 -1.38
CA ALA C 23 31.40 17.50 -1.88
C ALA C 23 31.84 16.09 -2.17
N TYR C 24 30.98 15.14 -1.81
CA TYR C 24 31.12 13.75 -2.25
C TYR C 24 29.82 13.01 -1.97
N ASP C 25 29.30 12.32 -2.99
CA ASP C 25 27.98 11.71 -2.95
C ASP C 25 28.08 10.26 -3.42
N TRP C 26 27.87 9.31 -2.51
CA TRP C 26 27.87 7.87 -2.83
C TRP C 26 26.77 7.35 -3.79
N ARG C 27 25.69 8.10 -3.93
CA ARG C 27 24.63 7.74 -4.90
C ARG C 27 25.18 7.81 -6.30
N LEU C 28 26.12 8.75 -6.53
CA LEU C 28 26.81 8.90 -7.79
C LEU C 28 27.94 7.90 -8.01
N HIS C 29 28.45 7.29 -6.95
CA HIS C 29 29.71 6.55 -7.02
C HIS C 29 29.57 5.09 -6.62
N GLY C 30 28.33 4.58 -6.71
CA GLY C 30 28.09 3.15 -6.55
C GLY C 30 27.85 2.65 -5.16
N GLY C 31 27.47 3.53 -4.24
CA GLY C 31 27.47 3.14 -2.81
C GLY C 31 26.16 3.21 -2.06
N VAL C 32 25.05 3.34 -2.81
CA VAL C 32 23.72 3.55 -2.20
C VAL C 32 22.61 2.81 -2.96
N THR C 33 21.87 2.00 -2.21
CA THR C 33 20.80 1.16 -2.66
C THR C 33 19.50 1.96 -2.47
N PRO C 34 18.40 1.60 -3.17
CA PRO C 34 17.17 2.34 -3.08
C PRO C 34 16.62 2.54 -1.67
N VAL C 35 15.75 3.56 -1.52
CA VAL C 35 15.14 3.79 -0.24
C VAL C 35 14.00 2.83 0.02
N LYS C 36 13.90 2.44 1.29
CA LYS C 36 12.89 1.53 1.77
C LYS C 36 11.96 2.25 2.73
N ASP C 37 10.95 1.54 3.19
CA ASP C 37 9.93 2.12 4.03
C ASP C 37 9.66 1.19 5.20
N GLN C 38 9.88 1.68 6.42
CA GLN C 38 9.63 0.84 7.58
C GLN C 38 8.14 0.59 7.89
N ALA C 39 7.26 1.36 7.27
CA ALA C 39 5.82 1.31 7.51
C ALA C 39 5.55 1.58 9.00
N LEU C 40 4.51 1.00 9.59
CA LEU C 40 4.11 1.32 10.98
C LEU C 40 4.82 0.38 11.93
N CYS C 41 6.15 0.59 12.06
CA CYS C 41 7.03 -0.21 12.88
C CYS C 41 8.26 0.67 13.19
N GLY C 42 8.72 0.61 14.43
CA GLY C 42 9.89 1.37 14.88
C GLY C 42 11.22 0.65 14.69
N SER C 43 11.45 0.18 13.45
CA SER C 43 12.60 -0.64 13.09
C SER C 43 13.67 0.17 12.38
N CYS C 44 13.67 1.48 12.58
CA CYS C 44 14.67 2.35 12.00
C CYS C 44 16.10 1.86 12.23
N TRP C 45 16.35 1.33 13.42
CA TRP C 45 17.66 0.78 13.75
C TRP C 45 18.10 -0.33 12.81
N ALA C 46 17.12 -1.15 12.40
CA ALA C 46 17.37 -2.23 11.44
C ALA C 46 17.67 -1.67 10.04
N PHE C 47 16.87 -0.72 9.59
CA PHE C 47 17.09 -0.08 8.29
C PHE C 47 18.43 0.68 8.23
N SER C 48 18.81 1.37 9.27
CA SER C 48 20.05 2.14 9.27
C SER C 48 21.23 1.20 9.19
N SER C 49 21.20 0.15 10.00
CA SER C 49 22.33 -0.76 10.13
C SER C 49 22.45 -1.60 8.88
N VAL C 50 21.36 -2.25 8.48
CA VAL C 50 21.34 -3.09 7.31
C VAL C 50 21.67 -2.28 6.06
N GLY C 51 21.18 -1.05 5.96
CA GLY C 51 21.47 -0.20 4.80
C GLY C 51 22.93 0.16 4.64
N SER C 52 23.63 0.39 5.76
CA SER C 52 25.06 0.65 5.74
C SER C 52 25.87 -0.56 5.28
N VAL C 53 25.32 -1.75 5.50
CA VAL C 53 25.93 -2.99 5.04
C VAL C 53 25.63 -3.20 3.55
N GLU C 54 24.39 -2.95 3.12
CA GLU C 54 24.08 -2.93 1.69
C GLU C 54 25.04 -1.99 0.97
N SER C 55 25.27 -0.81 1.53
CA SER C 55 26.20 0.17 0.92
C SER C 55 27.65 -0.36 0.84
N GLN C 56 28.13 -1.02 1.89
CA GLN C 56 29.49 -1.63 1.87
C GLN C 56 29.66 -2.72 0.83
N TYR C 57 28.69 -3.63 0.79
CA TYR C 57 28.61 -4.69 -0.21
C TYR C 57 28.59 -4.16 -1.66
N ALA C 58 27.85 -3.07 -1.88
CA ALA C 58 27.84 -2.39 -3.17
C ALA C 58 29.23 -1.89 -3.52
N ILE C 59 29.85 -1.16 -2.60
CA ILE C 59 31.14 -0.52 -2.80
C ILE C 59 32.23 -1.55 -2.99
N ARG C 60 32.29 -2.55 -2.10
CA ARG C 60 33.33 -3.57 -2.18
C ARG C 60 33.07 -4.67 -3.24
N LYS C 61 31.81 -5.07 -3.45
CA LYS C 61 31.53 -6.17 -4.41
C LYS C 61 31.01 -5.73 -5.80
N LYS C 62 30.71 -4.43 -5.94
CA LYS C 62 30.30 -3.80 -7.23
C LYS C 62 29.05 -4.42 -7.84
N ALA C 63 28.09 -4.76 -7.00
CA ALA C 63 26.76 -5.18 -7.45
C ALA C 63 25.79 -4.82 -6.35
N LEU C 64 24.51 -4.85 -6.67
CA LEU C 64 23.50 -4.49 -5.73
C LEU C 64 23.03 -5.69 -4.92
N PHE C 65 23.25 -5.62 -3.61
CA PHE C 65 22.76 -6.64 -2.69
C PHE C 65 21.71 -6.01 -1.80
N LEU C 66 20.57 -6.70 -1.66
CA LEU C 66 19.47 -6.28 -0.85
C LEU C 66 19.29 -7.24 0.30
N PHE C 67 19.41 -6.74 1.52
CA PHE C 67 19.38 -7.60 2.71
C PHE C 67 18.10 -7.39 3.51
N SER C 68 17.89 -8.25 4.49
CA SER C 68 16.63 -8.31 5.25
C SER C 68 16.64 -7.57 6.60
N GLU C 69 15.78 -6.57 6.71
CA GLU C 69 15.56 -5.89 7.98
C GLU C 69 14.71 -6.77 8.87
N GLN C 70 13.83 -7.55 8.26
CA GLN C 70 12.88 -8.37 9.02
C GLN C 70 13.60 -9.45 9.84
N GLU C 71 14.71 -9.94 9.32
CA GLU C 71 15.49 -10.94 10.02
C GLU C 71 15.94 -10.38 11.35
N LEU C 72 16.52 -9.17 11.31
CA LEU C 72 16.94 -8.50 12.53
C LEU C 72 15.78 -8.23 13.49
N VAL C 73 14.72 -7.63 12.99
CA VAL C 73 13.54 -7.38 13.81
C VAL C 73 13.10 -8.64 14.50
N ASP C 74 13.07 -9.74 13.77
CA ASP C 74 12.58 -11.00 14.31
C ASP C 74 13.57 -11.67 15.25
N CYS C 75 14.86 -11.63 14.91
CA CYS C 75 15.87 -12.52 15.50
C CYS C 75 16.95 -11.86 16.34
N SER C 76 17.04 -10.52 16.33
CA SER C 76 18.08 -9.79 17.07
C SER C 76 17.62 -9.67 18.51
N VAL C 77 18.07 -10.58 19.37
CA VAL C 77 17.63 -10.61 20.76
C VAL C 77 18.11 -9.39 21.54
N LYS C 78 19.20 -8.78 21.09
CA LYS C 78 19.72 -7.58 21.74
C LYS C 78 18.91 -6.31 21.49
N ASN C 79 18.02 -6.35 20.48
CA ASN C 79 17.13 -5.24 20.18
C ASN C 79 15.68 -5.60 20.51
N ASN C 80 14.75 -4.68 20.31
CA ASN C 80 13.36 -4.91 20.72
C ASN C 80 12.38 -4.82 19.54
N GLY C 81 12.80 -5.31 18.38
CA GLY C 81 11.93 -5.33 17.19
C GLY C 81 11.36 -3.97 16.86
N CYS C 82 10.03 -3.88 16.79
CA CYS C 82 9.34 -2.64 16.42
C CYS C 82 9.36 -1.59 17.50
N TYR C 83 9.69 -1.99 18.73
CA TYR C 83 9.77 -1.07 19.88
C TYR C 83 11.12 -0.34 19.99
N GLY C 84 12.02 -0.58 19.05
CA GLY C 84 13.32 0.09 19.04
C GLY C 84 14.54 -0.80 19.23
N GLY C 85 15.70 -0.20 19.04
CA GLY C 85 16.96 -0.88 19.12
C GLY C 85 18.13 0.09 19.00
N TYR C 86 19.32 -0.47 18.82
CA TYR C 86 20.57 0.26 18.92
C TYR C 86 21.46 -0.12 17.77
N ILE C 87 22.30 0.81 17.29
CA ILE C 87 23.14 0.53 16.10
C ILE C 87 24.18 -0.55 16.40
N THR C 88 24.88 -0.40 17.53
CA THR C 88 25.91 -1.37 17.90
C THR C 88 25.28 -2.75 18.12
N ASN C 89 24.17 -2.80 18.83
CA ASN C 89 23.53 -4.10 19.11
C ASN C 89 23.15 -4.82 17.82
N ALA C 90 22.73 -4.04 16.82
CA ALA C 90 22.30 -4.59 15.54
C ALA C 90 23.49 -5.17 14.80
N PHE C 91 24.62 -4.46 14.74
CA PHE C 91 25.86 -5.05 14.15
C PHE C 91 26.38 -6.29 14.89
N ASP C 92 26.42 -6.24 16.22
CA ASP C 92 26.78 -7.40 17.04
C ASP C 92 25.93 -8.61 16.70
N ASP C 93 24.61 -8.45 16.71
CA ASP C 93 23.71 -9.56 16.33
C ASP C 93 23.87 -10.06 14.88
N MET C 94 24.17 -9.16 13.92
CA MET C 94 24.52 -9.61 12.55
C MET C 94 25.70 -10.57 12.56
N ILE C 95 26.70 -10.24 13.37
CA ILE C 95 27.85 -11.12 13.54
C ILE C 95 27.42 -12.39 14.29
N ASP C 96 26.84 -12.24 15.48
CA ASP C 96 26.47 -13.40 16.30
C ASP C 96 25.47 -14.37 15.66
N LEU C 97 24.55 -13.84 14.85
CA LEU C 97 23.53 -14.66 14.19
C LEU C 97 24.03 -15.42 12.96
N GLY C 98 25.26 -15.14 12.51
CA GLY C 98 25.80 -15.73 11.29
C GLY C 98 25.45 -14.97 10.00
N GLY C 99 25.18 -13.66 10.11
CA GLY C 99 25.03 -12.82 8.93
C GLY C 99 23.61 -12.48 8.53
N LEU C 100 23.50 -11.60 7.55
CA LEU C 100 22.23 -11.14 6.99
C LEU C 100 21.66 -12.16 5.98
N CYS C 101 20.35 -12.10 5.78
CA CYS C 101 19.69 -12.81 4.69
C CYS C 101 19.38 -11.83 3.57
N SER C 102 19.11 -12.36 2.40
CA SER C 102 18.60 -11.57 1.30
C SER C 102 17.18 -11.13 1.60
N GLN C 103 16.83 -9.97 1.08
CA GLN C 103 15.49 -9.41 1.15
C GLN C 103 14.42 -10.38 0.60
N ASP C 104 14.73 -11.11 -0.47
CA ASP C 104 13.81 -12.11 -1.05
C ASP C 104 13.59 -13.37 -0.21
N ASP C 105 14.65 -13.85 0.45
CA ASP C 105 14.50 -15.00 1.35
C ASP C 105 13.64 -14.66 2.58
N TYR C 106 13.81 -13.45 3.11
CA TYR C 106 13.20 -13.06 4.38
C TYR C 106 12.57 -11.68 4.19
N PRO C 107 11.37 -11.64 3.57
CA PRO C 107 10.73 -10.34 3.23
C PRO C 107 10.17 -9.55 4.42
N TYR C 108 10.06 -8.23 4.22
CA TYR C 108 9.61 -7.32 5.26
C TYR C 108 8.10 -7.40 5.51
N VAL C 109 7.70 -7.64 6.77
CA VAL C 109 6.26 -7.67 7.16
C VAL C 109 5.93 -6.66 8.30
N SER C 110 6.77 -5.62 8.44
CA SER C 110 6.71 -4.62 9.54
C SER C 110 6.20 -5.09 10.93
N ASN C 111 5.07 -4.53 11.38
CA ASN C 111 4.53 -4.82 12.73
C ASN C 111 3.76 -6.13 12.82
N LEU C 112 3.76 -6.93 11.74
CA LEU C 112 3.15 -8.24 11.80
C LEU C 112 4.00 -9.14 12.74
N PRO C 113 3.37 -9.68 13.79
CA PRO C 113 4.18 -10.53 14.67
C PRO C 113 4.62 -11.82 13.96
N GLU C 114 5.91 -12.10 14.04
CA GLU C 114 6.52 -13.17 13.28
C GLU C 114 7.74 -13.69 14.05
N THR C 115 7.85 -15.00 14.15
CA THR C 115 8.92 -15.65 14.88
C THR C 115 10.16 -15.74 14.00
N CYS C 116 11.32 -15.78 14.65
CA CYS C 116 12.58 -15.98 13.97
C CYS C 116 12.60 -17.33 13.28
N ASN C 117 12.96 -17.33 12.01
CA ASN C 117 13.09 -18.57 11.24
C ASN C 117 14.21 -18.44 10.20
N LEU C 118 15.43 -18.72 10.64
CA LEU C 118 16.61 -18.58 9.80
C LEU C 118 16.75 -19.72 8.82
N LYS C 119 15.92 -20.76 8.98
CA LYS C 119 15.90 -21.88 8.06
C LYS C 119 15.55 -21.43 6.65
N ARG C 120 14.77 -20.35 6.53
CA ARG C 120 14.31 -19.85 5.24
C ARG C 120 15.33 -18.98 4.46
N CYS C 121 16.46 -18.65 5.09
CA CYS C 121 17.59 -18.03 4.40
C CYS C 121 18.43 -19.11 3.77
N ASN C 122 18.76 -18.96 2.48
CA ASN C 122 19.70 -19.86 1.86
C ASN C 122 21.11 -19.28 2.04
N GLU C 123 21.53 -18.38 1.17
CA GLU C 123 22.83 -17.73 1.32
C GLU C 123 22.81 -16.78 2.53
N ARG C 124 23.99 -16.49 3.06
CA ARG C 124 24.14 -15.54 4.15
C ARG C 124 25.31 -14.59 3.94
N TYR C 125 25.16 -13.38 4.45
CA TYR C 125 26.09 -12.31 4.14
C TYR C 125 26.59 -11.69 5.43
N THR C 126 27.85 -11.96 5.76
CA THR C 126 28.47 -11.50 6.99
C THR C 126 29.20 -10.17 6.86
N ILE C 127 29.49 -9.59 8.03
CA ILE C 127 30.47 -8.50 8.16
C ILE C 127 31.57 -9.02 9.08
N LYS C 128 32.78 -8.49 8.98
CA LYS C 128 33.85 -8.90 9.88
C LYS C 128 33.77 -8.12 11.19
N SER C 129 33.58 -6.81 11.09
CA SER C 129 33.60 -5.92 12.24
C SER C 129 32.81 -4.64 11.92
N TYR C 130 32.88 -3.68 12.82
CA TYR C 130 32.42 -2.34 12.57
C TYR C 130 33.27 -1.37 13.37
N VAL C 131 33.33 -0.12 12.91
CA VAL C 131 34.14 0.93 13.54
C VAL C 131 33.28 2.14 13.87
N SER C 132 33.52 2.70 15.04
CA SER C 132 32.89 3.94 15.46
C SER C 132 33.62 5.12 14.83
N ILE C 133 32.86 6.09 14.29
CA ILE C 133 33.45 7.22 13.60
C ILE C 133 33.45 8.47 14.47
N PRO C 134 34.65 9.06 14.73
CA PRO C 134 34.69 10.28 15.54
C PRO C 134 33.93 11.45 14.92
N ASP C 135 33.37 12.29 15.78
CA ASP C 135 32.51 13.35 15.33
C ASP C 135 33.23 14.40 14.48
N ASP C 136 34.56 14.45 14.58
CA ASP C 136 35.39 15.39 13.84
C ASP C 136 35.90 14.77 12.53
N LYS C 137 35.36 13.62 12.15
CA LYS C 137 35.92 12.81 11.05
C LYS C 137 34.89 12.23 10.04
N PHE C 138 33.70 12.83 9.96
CA PHE C 138 32.63 12.26 9.12
C PHE C 138 32.92 12.30 7.61
N LYS C 139 33.45 13.43 7.13
CA LYS C 139 33.79 13.59 5.71
C LYS C 139 34.90 12.62 5.33
N GLU C 140 35.94 12.51 6.16
CA GLU C 140 36.99 11.52 5.95
C GLU C 140 36.44 10.10 5.92
N ALA C 141 35.66 9.74 6.93
CA ALA C 141 35.05 8.41 6.96
C ALA C 141 34.13 8.14 5.76
N LEU C 142 33.26 9.09 5.39
CA LEU C 142 32.40 8.90 4.21
C LEU C 142 33.20 8.62 2.95
N ARG C 143 34.21 9.43 2.71
CA ARG C 143 34.94 9.31 1.47
C ARG C 143 35.73 8.00 1.32
N TYR C 144 36.34 7.52 2.41
CA TYR C 144 37.27 6.37 2.31
C TYR C 144 36.69 5.07 2.88
N LEU C 145 35.74 5.18 3.79
CA LEU C 145 35.11 4.00 4.37
C LEU C 145 33.75 3.70 3.72
N GLY C 146 32.92 4.74 3.60
CA GLY C 146 31.59 4.59 3.00
C GLY C 146 30.47 5.10 3.89
N PRO C 147 29.24 4.95 3.44
CA PRO C 147 28.08 5.39 4.24
C PRO C 147 28.07 4.97 5.72
N ILE C 148 27.69 5.92 6.56
CA ILE C 148 27.73 5.76 7.99
C ILE C 148 26.32 5.57 8.60
N SER C 149 26.13 4.52 9.39
CA SER C 149 24.89 4.34 10.19
C SER C 149 24.92 5.27 11.41
N ILE C 150 23.93 6.15 11.52
CA ILE C 150 23.97 7.25 12.49
C ILE C 150 22.63 7.39 13.24
N SER C 151 22.72 7.82 14.49
CA SER C 151 21.56 8.27 15.23
C SER C 151 21.25 9.73 14.86
N ILE C 152 20.00 10.13 15.12
CA ILE C 152 19.54 11.45 14.85
C ILE C 152 18.40 11.75 15.83
N ALA C 153 18.28 13.02 16.20
CA ALA C 153 17.21 13.51 17.03
C ALA C 153 16.16 14.14 16.11
N ALA C 154 15.18 13.33 15.68
CA ALA C 154 14.12 13.70 14.73
C ALA C 154 12.93 14.32 15.46
N SER C 155 12.37 15.38 14.86
CA SER C 155 11.27 16.16 15.42
C SER C 155 10.04 15.91 14.56
N ASP C 156 8.91 16.52 14.93
CA ASP C 156 7.73 16.52 14.08
C ASP C 156 7.96 17.20 12.71
N ASP C 157 8.65 18.35 12.71
CA ASP C 157 9.06 19.02 11.48
C ASP C 157 9.84 18.10 10.53
N PHE C 158 10.72 17.29 11.10
CA PHE C 158 11.48 16.27 10.35
C PHE C 158 10.54 15.18 9.79
N ALA C 159 9.60 14.71 10.59
CA ALA C 159 8.60 13.75 10.11
C ALA C 159 7.77 14.29 8.93
N PHE C 160 7.40 15.56 8.98
CA PHE C 160 6.54 16.16 7.95
C PHE C 160 7.30 16.81 6.79
N TYR C 161 8.62 16.64 6.74
CA TYR C 161 9.43 17.20 5.68
C TYR C 161 9.22 16.48 4.35
N ARG C 162 8.94 17.30 3.34
CA ARG C 162 8.62 16.85 1.99
C ARG C 162 9.43 17.59 0.92
N GLY C 163 10.58 18.12 1.28
CA GLY C 163 11.43 18.80 0.29
C GLY C 163 11.66 20.28 0.51
N GLY C 164 12.73 20.79 -0.09
CA GLY C 164 13.13 22.17 0.05
C GLY C 164 14.18 22.32 1.13
N PHE C 165 14.53 23.56 1.40
CA PHE C 165 15.55 23.91 2.38
C PHE C 165 14.99 23.65 3.80
N TYR C 166 15.59 22.70 4.51
CA TYR C 166 15.07 22.34 5.83
C TYR C 166 15.35 23.43 6.85
N ASP C 167 14.31 23.91 7.50
CA ASP C 167 14.45 24.90 8.57
C ASP C 167 13.60 24.54 9.79
N GLY C 168 13.29 23.26 9.97
CA GLY C 168 12.49 22.84 11.10
C GLY C 168 13.33 22.64 12.34
N GLU C 169 12.65 22.33 13.44
CA GLU C 169 13.31 22.10 14.72
C GLU C 169 13.97 20.73 14.79
N CYS C 170 14.66 20.49 15.91
CA CYS C 170 15.28 19.23 16.25
C CYS C 170 14.58 18.57 17.37
N GLY C 171 14.75 17.25 17.50
CA GLY C 171 14.22 16.52 18.66
C GLY C 171 15.06 16.70 19.93
N ALA C 172 14.52 16.29 21.07
CA ALA C 172 15.16 16.52 22.39
C ALA C 172 16.22 15.47 22.80
N ALA C 173 16.33 14.42 22.01
CA ALA C 173 17.14 13.27 22.33
C ALA C 173 17.23 12.44 21.08
N PRO C 174 18.31 11.69 20.91
CA PRO C 174 18.40 10.81 19.74
C PRO C 174 17.26 9.79 19.74
N ASN C 175 16.56 9.67 18.63
CA ASN C 175 15.35 8.83 18.68
C ASN C 175 15.14 8.03 17.43
N HIS C 176 16.08 8.17 16.49
CA HIS C 176 15.92 7.65 15.15
C HIS C 176 17.31 7.32 14.67
N ALA C 177 17.36 6.49 13.64
CA ALA C 177 18.58 6.05 13.04
C ALA C 177 18.43 6.18 11.52
N VAL C 178 19.43 6.77 10.90
CA VAL C 178 19.44 6.99 9.45
C VAL C 178 20.85 6.68 8.95
N ILE C 179 21.14 7.03 7.71
CA ILE C 179 22.44 6.75 7.10
C ILE C 179 22.96 8.00 6.43
N LEU C 180 24.22 8.39 6.71
CA LEU C 180 24.92 9.43 5.98
C LEU C 180 25.49 8.82 4.70
N VAL C 181 25.10 9.39 3.55
CA VAL C 181 25.53 8.86 2.25
C VAL C 181 26.47 9.82 1.47
N GLY C 182 26.70 11.01 2.00
CA GLY C 182 27.61 11.94 1.39
C GLY C 182 27.52 13.32 2.02
N TYR C 183 28.15 14.27 1.36
CA TYR C 183 28.11 15.66 1.74
C TYR C 183 28.18 16.49 0.44
N GLY C 184 27.78 17.75 0.51
CA GLY C 184 27.82 18.64 -0.62
C GLY C 184 27.87 20.07 -0.15
N MET C 185 27.89 21.00 -1.10
CA MET C 185 27.83 22.42 -0.83
C MET C 185 27.03 23.07 -1.96
N LYS C 186 26.09 23.95 -1.61
CA LYS C 186 25.39 24.82 -2.57
C LYS C 186 25.60 26.28 -2.19
N ASP C 187 25.51 27.19 -3.15
CA ASP C 187 25.47 28.64 -2.84
C ASP C 187 24.01 29.09 -2.73
N ILE C 188 23.60 29.54 -1.54
CA ILE C 188 22.19 29.86 -1.24
C ILE C 188 21.99 31.37 -1.05
N GLU C 197 26.06 33.46 0.46
CA GLU C 197 26.44 32.46 1.46
C GLU C 197 26.58 31.04 0.90
N LYS C 198 27.74 30.42 1.16
CA LYS C 198 27.94 28.98 0.94
C LYS C 198 27.14 28.19 1.99
N PHE C 199 26.57 27.07 1.55
CA PHE C 199 25.77 26.19 2.41
C PHE C 199 26.34 24.79 2.27
N TYR C 200 26.97 24.30 3.35
CA TYR C 200 27.52 22.94 3.40
C TYR C 200 26.51 22.06 4.10
N TYR C 201 26.36 20.83 3.65
CA TYR C 201 25.34 19.94 4.20
C TYR C 201 25.83 18.49 4.09
N TYR C 202 25.30 17.64 4.97
CA TYR C 202 25.36 16.18 4.83
C TYR C 202 24.07 15.67 4.13
N ILE C 203 24.20 14.60 3.38
CA ILE C 203 23.12 13.96 2.67
C ILE C 203 22.71 12.75 3.51
N ILE C 204 21.47 12.77 4.00
CA ILE C 204 20.90 11.73 4.87
C ILE C 204 19.85 10.91 4.08
N LYS C 205 19.98 9.59 4.18
CA LYS C 205 19.05 8.62 3.63
C LYS C 205 18.18 8.09 4.78
N ASN C 206 16.87 8.31 4.64
CA ASN C 206 15.92 7.90 5.66
C ASN C 206 15.16 6.64 5.18
N SER C 207 14.37 6.04 6.09
CA SER C 207 13.69 4.78 5.82
C SER C 207 12.19 4.91 5.98
N TRP C 208 11.66 6.06 5.57
CA TRP C 208 10.23 6.33 5.59
C TRP C 208 9.58 6.40 4.20
N GLY C 209 10.14 5.69 3.22
CA GLY C 209 9.64 5.70 1.85
C GLY C 209 10.25 6.81 1.00
N SER C 210 10.05 6.68 -0.31
CA SER C 210 10.58 7.66 -1.26
C SER C 210 9.68 8.86 -1.35
N ASP C 211 8.50 8.78 -0.78
CA ASP C 211 7.62 9.92 -0.66
C ASP C 211 7.77 10.63 0.69
N TRP C 212 8.93 10.51 1.32
CA TRP C 212 9.31 11.40 2.40
C TRP C 212 10.50 12.20 1.89
N GLY C 213 10.57 13.48 2.26
CA GLY C 213 11.74 14.26 2.00
C GLY C 213 11.88 14.46 0.52
N GLU C 214 13.09 14.36 0.02
CA GLU C 214 13.36 14.48 -1.39
C GLU C 214 13.72 13.11 -1.89
N GLY C 215 12.73 12.37 -2.40
CA GLY C 215 12.92 10.99 -2.77
C GLY C 215 13.41 10.10 -1.64
N GLY C 216 13.12 10.48 -0.40
CA GLY C 216 13.61 9.72 0.73
C GLY C 216 14.83 10.28 1.43
N TYR C 217 15.29 11.45 1.02
CA TYR C 217 16.53 12.06 1.49
C TYR C 217 16.32 13.46 2.08
N ILE C 218 17.31 13.92 2.84
CA ILE C 218 17.34 15.30 3.37
C ILE C 218 18.78 15.78 3.46
N ASN C 219 18.99 17.06 3.13
CA ASN C 219 20.27 17.72 3.31
C ASN C 219 20.23 18.47 4.62
N LEU C 220 21.19 18.18 5.50
CA LEU C 220 21.24 18.82 6.83
C LEU C 220 22.54 19.61 6.96
N GLU C 221 22.41 20.87 7.31
CA GLU C 221 23.53 21.80 7.41
C GLU C 221 24.72 21.35 8.24
N THR C 222 25.91 21.48 7.67
CA THR C 222 27.15 21.37 8.42
C THR C 222 28.02 22.61 8.12
N ASP C 223 29.32 22.50 8.33
CA ASP C 223 30.28 23.53 7.90
C ASP C 223 31.34 22.87 7.00
N GLU C 224 32.35 23.62 6.56
CA GLU C 224 33.33 23.05 5.61
C GLU C 224 34.14 21.89 6.21
N ASN C 225 34.58 22.05 7.46
CA ASN C 225 35.18 20.94 8.23
C ASN C 225 34.26 19.72 8.42
N GLY C 226 32.96 20.00 8.48
CA GLY C 226 31.93 18.99 8.67
C GLY C 226 31.71 18.60 10.12
N TYR C 227 32.15 19.45 11.05
CA TYR C 227 32.04 19.19 12.47
C TYR C 227 30.62 19.46 12.99
N LYS C 228 30.03 20.53 12.49
CA LYS C 228 28.72 20.98 12.91
C LYS C 228 27.66 19.93 12.64
N LYS C 229 26.86 19.63 13.66
CA LYS C 229 25.75 18.69 13.57
C LYS C 229 24.44 19.45 13.61
N THR C 230 23.52 19.09 12.71
CA THR C 230 22.12 19.45 12.82
C THR C 230 21.38 18.19 13.27
N CYS C 231 20.45 18.35 14.21
CA CYS C 231 19.65 17.23 14.76
C CYS C 231 20.50 16.18 15.44
N SER C 232 21.60 16.61 16.05
CA SER C 232 22.55 15.75 16.69
C SER C 232 22.95 14.53 15.88
N ILE C 233 23.05 14.68 14.56
CA ILE C 233 23.37 13.53 13.73
C ILE C 233 24.68 12.88 14.17
N GLY C 234 24.66 11.56 14.26
CA GLY C 234 25.88 10.81 14.39
C GLY C 234 26.53 10.85 15.76
N THR C 235 25.80 11.32 16.75
CA THR C 235 26.18 11.12 18.18
C THR C 235 26.70 9.71 18.39
N GLU C 236 25.94 8.74 17.86
CA GLU C 236 26.40 7.41 17.56
C GLU C 236 26.55 7.30 16.04
N ALA C 237 27.68 6.75 15.59
CA ALA C 237 28.10 6.78 14.19
C ALA C 237 28.99 5.60 13.93
N TYR C 238 28.57 4.67 13.06
CA TYR C 238 29.32 3.44 12.79
C TYR C 238 29.31 3.02 11.31
N VAL C 239 30.46 2.61 10.81
CA VAL C 239 30.56 1.97 9.49
C VAL C 239 30.88 0.49 9.73
N PRO C 240 30.13 -0.42 9.09
CA PRO C 240 30.43 -1.84 9.13
C PRO C 240 31.54 -2.20 8.12
N LEU C 241 32.34 -3.23 8.44
CA LEU C 241 33.47 -3.57 7.56
C LEU C 241 33.40 -5.00 7.16
N LEU C 242 33.83 -5.26 5.93
CA LEU C 242 33.93 -6.60 5.41
C LEU C 242 35.42 -6.94 5.47
N TYR D 1 -20.78 -31.48 0.64
CA TYR D 1 -21.67 -31.66 -0.56
C TYR D 1 -22.87 -30.68 -0.64
N GLU D 2 -23.50 -30.67 -1.81
CA GLU D 2 -24.52 -29.68 -2.18
C GLU D 2 -25.88 -29.97 -1.59
N ALA D 3 -26.69 -28.93 -1.41
CA ALA D 3 -28.09 -29.09 -0.97
C ALA D 3 -29.03 -28.78 -2.13
N ASN D 4 -30.33 -29.05 -1.94
CA ASN D 4 -31.33 -28.86 -3.00
C ASN D 4 -32.20 -27.64 -2.76
N TYR D 5 -32.36 -26.84 -3.81
CA TYR D 5 -32.98 -25.52 -3.69
C TYR D 5 -34.42 -25.53 -3.19
N GLU D 6 -35.22 -26.47 -3.70
CA GLU D 6 -36.64 -26.53 -3.35
C GLU D 6 -36.84 -26.93 -1.88
N ASP D 7 -35.93 -27.75 -1.36
CA ASP D 7 -35.89 -28.09 0.07
C ASP D 7 -35.49 -26.88 0.91
N VAL D 8 -34.43 -26.20 0.46
CA VAL D 8 -33.85 -25.09 1.18
C VAL D 8 -34.82 -23.92 1.26
N ILE D 9 -35.46 -23.55 0.14
CA ILE D 9 -36.29 -22.35 0.10
C ILE D 9 -37.60 -22.50 0.88
N LYS D 10 -38.21 -23.67 0.83
CA LYS D 10 -39.44 -23.94 1.59
C LYS D 10 -39.18 -23.72 3.08
N LYS D 11 -38.00 -24.12 3.54
CA LYS D 11 -37.57 -23.96 4.94
C LYS D 11 -37.19 -22.51 5.30
N TYR D 12 -36.57 -21.79 4.38
CA TYR D 12 -36.09 -20.40 4.64
C TYR D 12 -37.07 -19.29 4.30
N LYS D 13 -38.00 -19.50 3.37
CA LYS D 13 -39.02 -18.49 3.10
C LYS D 13 -40.12 -18.71 4.12
N PRO D 14 -40.46 -17.67 4.91
CA PRO D 14 -41.57 -17.79 5.82
C PRO D 14 -42.87 -18.09 5.12
N ALA D 15 -43.72 -18.87 5.79
CA ALA D 15 -45.04 -19.24 5.26
C ALA D 15 -45.86 -17.98 4.96
N ASP D 16 -46.35 -17.89 3.72
CA ASP D 16 -47.11 -16.72 3.23
C ASP D 16 -46.33 -15.40 3.26
N ALA D 17 -45.00 -15.46 3.17
CA ALA D 17 -44.20 -14.29 2.83
C ALA D 17 -44.44 -13.99 1.33
N LYS D 18 -44.22 -12.74 0.94
CA LYS D 18 -44.41 -12.34 -0.45
C LYS D 18 -43.16 -11.54 -0.89
N LEU D 19 -42.59 -11.93 -2.03
CA LEU D 19 -41.38 -11.29 -2.53
C LEU D 19 -41.68 -9.89 -3.02
N ASP D 20 -40.92 -8.92 -2.48
CA ASP D 20 -40.83 -7.57 -3.06
C ASP D 20 -39.77 -7.62 -4.14
N ARG D 21 -40.19 -7.52 -5.39
CA ARG D 21 -39.28 -7.72 -6.52
C ARG D 21 -38.58 -6.42 -6.91
N ILE D 22 -38.96 -5.32 -6.28
CA ILE D 22 -38.49 -4.02 -6.68
C ILE D 22 -37.11 -3.72 -6.09
N ALA D 23 -36.97 -3.83 -4.77
CA ALA D 23 -35.71 -3.52 -4.10
C ALA D 23 -35.47 -4.30 -2.83
N TYR D 24 -34.25 -4.81 -2.67
CA TYR D 24 -33.77 -5.34 -1.41
C TYR D 24 -32.25 -5.32 -1.37
N ASP D 25 -31.70 -4.68 -0.35
CA ASP D 25 -30.27 -4.43 -0.27
C ASP D 25 -29.73 -4.92 1.08
N TRP D 26 -28.94 -5.98 1.04
CA TRP D 26 -28.35 -6.54 2.26
C TRP D 26 -27.35 -5.59 2.98
N ARG D 27 -26.80 -4.61 2.29
CA ARG D 27 -25.93 -3.63 2.97
C ARG D 27 -26.67 -2.95 4.11
N LEU D 28 -27.98 -2.79 3.94
CA LEU D 28 -28.81 -2.11 4.89
C LEU D 28 -29.36 -3.05 5.95
N HIS D 29 -29.37 -4.36 5.69
CA HIS D 29 -30.08 -5.30 6.56
C HIS D 29 -29.19 -6.37 7.18
N GLY D 30 -27.91 -6.05 7.33
CA GLY D 30 -27.04 -6.80 8.19
C GLY D 30 -26.38 -7.99 7.54
N GLY D 31 -26.21 -7.96 6.23
CA GLY D 31 -25.67 -9.10 5.49
C GLY D 31 -24.42 -8.92 4.64
N VAL D 32 -23.78 -7.75 4.69
CA VAL D 32 -22.59 -7.48 3.89
C VAL D 32 -21.44 -6.88 4.74
N THR D 33 -20.29 -7.54 4.66
CA THR D 33 -19.05 -7.05 5.23
C THR D 33 -18.29 -6.10 4.27
N PRO D 34 -17.32 -5.32 4.78
CA PRO D 34 -16.57 -4.41 3.92
C PRO D 34 -15.94 -5.02 2.65
N VAL D 35 -15.72 -4.16 1.65
CA VAL D 35 -15.06 -4.62 0.46
C VAL D 35 -13.56 -4.81 0.70
N LYS D 36 -13.06 -5.91 0.14
CA LYS D 36 -11.66 -6.28 0.21
C LYS D 36 -10.99 -6.08 -1.17
N ASP D 37 -9.69 -6.36 -1.22
CA ASP D 37 -8.88 -6.18 -2.41
C ASP D 37 -7.95 -7.38 -2.61
N GLN D 38 -8.09 -8.05 -3.75
CA GLN D 38 -7.24 -9.19 -4.07
C GLN D 38 -5.80 -8.80 -4.40
N ALA D 39 -5.52 -7.51 -4.64
CA ALA D 39 -4.21 -7.07 -5.13
C ALA D 39 -3.80 -7.85 -6.42
N LEU D 40 -2.52 -8.03 -6.71
CA LEU D 40 -2.13 -8.64 -8.01
C LEU D 40 -2.13 -10.16 -7.87
N CYS D 41 -3.34 -10.71 -7.79
CA CYS D 41 -3.53 -12.13 -7.64
C CYS D 41 -4.92 -12.54 -8.18
N GLY D 42 -5.00 -13.64 -8.94
CA GLY D 42 -6.27 -14.12 -9.51
C GLY D 42 -7.16 -14.94 -8.58
N SER D 43 -7.27 -14.48 -7.33
CA SER D 43 -7.95 -15.17 -6.24
C SER D 43 -9.41 -14.72 -6.03
N CYS D 44 -10.01 -14.12 -7.06
CA CYS D 44 -11.41 -13.72 -7.03
C CYS D 44 -12.34 -14.82 -6.57
N TRP D 45 -12.03 -16.07 -6.90
CA TRP D 45 -12.88 -17.21 -6.52
C TRP D 45 -12.95 -17.38 -5.01
N ALA D 46 -11.84 -17.04 -4.35
CA ALA D 46 -11.72 -17.09 -2.90
C ALA D 46 -12.46 -15.88 -2.25
N PHE D 47 -12.30 -14.70 -2.79
CA PHE D 47 -13.01 -13.54 -2.28
C PHE D 47 -14.54 -13.68 -2.38
N SER D 48 -15.00 -14.26 -3.47
CA SER D 48 -16.42 -14.42 -3.71
C SER D 48 -17.01 -15.39 -2.71
N SER D 49 -16.42 -16.58 -2.64
CA SER D 49 -16.97 -17.69 -1.86
C SER D 49 -16.87 -17.38 -0.37
N VAL D 50 -15.71 -16.91 0.06
CA VAL D 50 -15.52 -16.52 1.45
C VAL D 50 -16.44 -15.35 1.82
N GLY D 51 -16.51 -14.33 0.96
CA GLY D 51 -17.40 -13.20 1.17
C GLY D 51 -18.86 -13.59 1.39
N SER D 52 -19.34 -14.55 0.61
CA SER D 52 -20.69 -15.07 0.80
C SER D 52 -20.89 -15.79 2.18
N VAL D 53 -19.84 -16.44 2.68
CA VAL D 53 -19.85 -17.03 4.02
C VAL D 53 -19.79 -15.97 5.11
N GLU D 54 -19.01 -14.91 4.90
CA GLU D 54 -19.03 -13.76 5.79
C GLU D 54 -20.43 -13.22 5.86
N SER D 55 -21.08 -13.10 4.70
CA SER D 55 -22.46 -12.62 4.65
C SER D 55 -23.49 -13.51 5.42
N GLN D 56 -23.38 -14.83 5.27
CA GLN D 56 -24.27 -15.77 5.95
C GLN D 56 -24.12 -15.72 7.46
N TYR D 57 -22.88 -15.75 7.93
CA TYR D 57 -22.59 -15.59 9.36
C TYR D 57 -23.15 -14.29 9.91
N ALA D 58 -23.09 -13.24 9.13
CA ALA D 58 -23.60 -11.94 9.58
C ALA D 58 -25.10 -11.98 9.76
N ILE D 59 -25.82 -12.56 8.80
CA ILE D 59 -27.27 -12.64 8.84
C ILE D 59 -27.76 -13.58 9.94
N ARG D 60 -27.11 -14.73 10.07
CA ARG D 60 -27.56 -15.77 11.00
C ARG D 60 -27.07 -15.53 12.39
N LYS D 61 -25.82 -15.10 12.52
CA LYS D 61 -25.24 -14.83 13.84
C LYS D 61 -25.27 -13.38 14.28
N LYS D 62 -25.60 -12.45 13.39
CA LYS D 62 -25.85 -11.05 13.78
C LYS D 62 -24.61 -10.36 14.40
N ALA D 63 -23.47 -10.62 13.79
CA ALA D 63 -22.22 -9.97 14.17
C ALA D 63 -21.31 -10.11 12.99
N LEU D 64 -20.31 -9.24 12.92
CA LEU D 64 -19.41 -9.23 11.78
C LEU D 64 -18.27 -10.21 12.05
N PHE D 65 -18.09 -11.14 11.12
CA PHE D 65 -16.96 -12.06 11.13
C PHE D 65 -16.17 -11.78 9.86
N LEU D 66 -14.85 -11.65 9.99
CA LEU D 66 -13.94 -11.63 8.87
C LEU D 66 -13.16 -12.93 8.72
N PHE D 67 -13.30 -13.58 7.56
CA PHE D 67 -12.64 -14.86 7.28
C PHE D 67 -11.46 -14.77 6.31
N SER D 68 -10.67 -15.84 6.26
CA SER D 68 -9.40 -15.86 5.52
C SER D 68 -9.48 -16.45 4.08
N GLU D 69 -9.40 -15.55 3.11
CA GLU D 69 -9.20 -15.91 1.71
C GLU D 69 -7.85 -16.57 1.51
N GLN D 70 -6.83 -16.12 2.26
CA GLN D 70 -5.47 -16.65 2.11
C GLN D 70 -5.39 -18.12 2.40
N GLU D 71 -6.20 -18.59 3.33
CA GLU D 71 -6.25 -20.01 3.68
C GLU D 71 -6.67 -20.82 2.47
N LEU D 72 -7.71 -20.38 1.77
CA LEU D 72 -8.16 -21.08 0.57
C LEU D 72 -7.14 -21.03 -0.56
N VAL D 73 -6.55 -19.86 -0.78
CA VAL D 73 -5.50 -19.72 -1.80
C VAL D 73 -4.37 -20.71 -1.52
N ASP D 74 -3.94 -20.78 -0.26
CA ASP D 74 -2.83 -21.66 0.16
C ASP D 74 -3.19 -23.12 0.23
N CYS D 75 -4.44 -23.45 0.52
CA CYS D 75 -4.84 -24.79 1.01
C CYS D 75 -5.90 -25.52 0.18
N SER D 76 -6.66 -24.80 -0.64
CA SER D 76 -7.66 -25.42 -1.53
C SER D 76 -6.95 -26.19 -2.64
N VAL D 77 -6.92 -27.52 -2.55
CA VAL D 77 -6.17 -28.36 -3.50
C VAL D 77 -6.89 -28.49 -4.86
N LYS D 78 -8.22 -28.33 -4.81
CA LYS D 78 -9.07 -28.44 -6.00
C LYS D 78 -8.98 -27.15 -6.86
N ASN D 79 -8.35 -26.11 -6.33
CA ASN D 79 -8.21 -24.83 -7.03
C ASN D 79 -6.74 -24.50 -7.27
N ASN D 80 -6.45 -23.40 -8.00
CA ASN D 80 -5.08 -23.13 -8.42
C ASN D 80 -4.54 -21.79 -7.92
N GLY D 81 -4.91 -21.42 -6.69
CA GLY D 81 -4.40 -20.21 -6.04
C GLY D 81 -4.62 -18.94 -6.85
N CYS D 82 -3.54 -18.23 -7.14
CA CYS D 82 -3.64 -16.98 -7.87
C CYS D 82 -3.93 -17.21 -9.33
N TYR D 83 -3.77 -18.46 -9.77
CA TYR D 83 -4.08 -18.84 -11.15
C TYR D 83 -5.56 -19.17 -11.41
N GLY D 84 -6.41 -19.10 -10.38
CA GLY D 84 -7.85 -19.22 -10.57
C GLY D 84 -8.48 -20.39 -9.84
N GLY D 85 -9.81 -20.43 -9.85
CA GLY D 85 -10.56 -21.53 -9.22
C GLY D 85 -12.05 -21.52 -9.54
N TYR D 86 -12.82 -22.31 -8.78
CA TYR D 86 -14.26 -22.48 -9.03
C TYR D 86 -14.97 -22.33 -7.71
N ILE D 87 -16.19 -21.77 -7.78
CA ILE D 87 -17.03 -21.48 -6.63
C ILE D 87 -17.38 -22.75 -5.84
N THR D 88 -17.78 -23.81 -6.53
CA THR D 88 -18.09 -25.12 -5.91
C THR D 88 -16.84 -25.77 -5.30
N ASN D 89 -15.71 -25.72 -5.99
CA ASN D 89 -14.49 -26.29 -5.46
C ASN D 89 -14.09 -25.61 -4.17
N ALA D 90 -14.32 -24.30 -4.10
CA ALA D 90 -13.98 -23.50 -2.94
C ALA D 90 -14.81 -23.93 -1.74
N PHE D 91 -16.12 -24.03 -1.93
CA PHE D 91 -16.99 -24.48 -0.85
C PHE D 91 -16.68 -25.93 -0.43
N ASP D 92 -16.47 -26.82 -1.40
CA ASP D 92 -16.06 -28.20 -1.10
C ASP D 92 -14.87 -28.19 -0.14
N ASP D 93 -13.82 -27.44 -0.48
CA ASP D 93 -12.59 -27.39 0.32
C ASP D 93 -12.72 -26.74 1.70
N MET D 94 -13.66 -25.82 1.89
CA MET D 94 -13.84 -25.28 3.24
C MET D 94 -14.56 -26.29 4.11
N ILE D 95 -15.38 -27.13 3.49
CA ILE D 95 -16.00 -28.24 4.21
C ILE D 95 -14.92 -29.28 4.56
N ASP D 96 -14.15 -29.72 3.55
CA ASP D 96 -13.12 -30.76 3.73
C ASP D 96 -11.92 -30.33 4.57
N LEU D 97 -11.52 -29.06 4.48
CA LEU D 97 -10.42 -28.54 5.32
C LEU D 97 -10.83 -28.38 6.80
N GLY D 98 -12.12 -28.43 7.09
CA GLY D 98 -12.62 -28.29 8.46
C GLY D 98 -12.94 -26.85 8.84
N GLY D 99 -13.19 -26.03 7.84
CA GLY D 99 -13.71 -24.68 8.05
C GLY D 99 -12.74 -23.58 7.69
N LEU D 100 -13.24 -22.35 7.75
CA LEU D 100 -12.48 -21.15 7.45
C LEU D 100 -11.77 -20.66 8.70
N CYS D 101 -10.66 -19.95 8.52
CA CYS D 101 -9.97 -19.30 9.62
C CYS D 101 -10.40 -17.84 9.69
N SER D 102 -10.21 -17.23 10.85
CA SER D 102 -10.31 -15.80 10.95
C SER D 102 -9.24 -15.17 10.06
N GLN D 103 -9.57 -13.99 9.54
CA GLN D 103 -8.65 -13.14 8.79
C GLN D 103 -7.42 -12.76 9.62
N ASP D 104 -7.60 -12.58 10.92
CA ASP D 104 -6.52 -12.29 11.89
CA ASP D 104 -6.48 -12.25 11.79
C ASP D 104 -5.54 -13.45 12.04
N ASP D 105 -6.06 -14.67 12.06
CA ASP D 105 -5.20 -15.85 12.23
C ASP D 105 -4.40 -16.16 10.95
N TYR D 106 -4.97 -15.82 9.81
CA TYR D 106 -4.40 -16.22 8.53
C TYR D 106 -4.55 -15.05 7.54
N PRO D 107 -3.75 -13.99 7.76
CA PRO D 107 -3.84 -12.78 6.96
C PRO D 107 -3.41 -12.95 5.50
N TYR D 108 -3.95 -12.07 4.67
CA TYR D 108 -3.75 -12.12 3.22
C TYR D 108 -2.40 -11.54 2.78
N VAL D 109 -1.59 -12.34 2.10
CA VAL D 109 -0.46 -11.79 1.29
C VAL D 109 -0.46 -12.23 -0.22
N SER D 110 -1.65 -12.24 -0.82
CA SER D 110 -1.87 -12.39 -2.28
C SER D 110 -0.89 -13.31 -3.02
N ASN D 111 -0.13 -12.76 -3.97
CA ASN D 111 0.77 -13.56 -4.82
C ASN D 111 2.05 -14.04 -4.13
N LEU D 112 2.35 -13.54 -2.91
CA LEU D 112 3.52 -14.01 -2.14
C LEU D 112 3.27 -15.46 -1.77
N PRO D 113 4.09 -16.41 -2.33
CA PRO D 113 3.89 -17.87 -2.08
C PRO D 113 4.00 -18.29 -0.61
N GLU D 114 2.97 -18.96 -0.12
CA GLU D 114 3.04 -19.53 1.20
C GLU D 114 2.50 -20.95 1.15
N THR D 115 3.06 -21.81 1.97
CA THR D 115 2.59 -23.17 2.08
C THR D 115 1.38 -23.15 3.02
N CYS D 116 0.41 -24.00 2.74
CA CYS D 116 -0.70 -24.22 3.64
C CYS D 116 -0.23 -24.56 5.05
N ASN D 117 -0.52 -23.70 6.03
CA ASN D 117 -0.36 -24.09 7.44
C ASN D 117 -1.62 -23.73 8.24
N LEU D 118 -2.48 -24.73 8.45
CA LEU D 118 -3.71 -24.53 9.23
C LEU D 118 -3.43 -24.46 10.72
N LYS D 119 -2.21 -24.80 11.15
CA LYS D 119 -1.80 -24.67 12.56
C LYS D 119 -1.87 -23.20 13.05
N ARG D 120 -1.82 -22.25 12.10
CA ARG D 120 -1.96 -20.81 12.38
C ARG D 120 -3.34 -20.39 12.93
N CYS D 121 -4.37 -21.24 12.77
CA CYS D 121 -5.74 -20.92 13.18
C CYS D 121 -6.05 -21.55 14.53
N ASN D 122 -6.66 -20.77 15.43
CA ASN D 122 -7.30 -21.33 16.60
C ASN D 122 -8.75 -21.68 16.21
N GLU D 123 -9.68 -20.75 16.30
CA GLU D 123 -11.09 -21.06 16.02
C GLU D 123 -11.31 -21.33 14.54
N ARG D 124 -12.28 -22.19 14.23
CA ARG D 124 -12.66 -22.51 12.86
C ARG D 124 -14.12 -22.25 12.68
N TYR D 125 -14.49 -21.86 11.47
CA TYR D 125 -15.84 -21.47 11.14
C TYR D 125 -16.30 -22.32 9.96
N THR D 126 -17.17 -23.27 10.24
CA THR D 126 -17.62 -24.23 9.22
C THR D 126 -18.86 -23.71 8.49
N ILE D 127 -19.12 -24.30 7.32
CA ILE D 127 -20.46 -24.28 6.73
C ILE D 127 -20.99 -25.73 6.72
N LYS D 128 -22.31 -25.86 6.63
CA LYS D 128 -22.93 -27.17 6.58
C LYS D 128 -23.02 -27.67 5.14
N SER D 129 -23.38 -26.77 4.23
CA SER D 129 -23.59 -27.11 2.84
C SER D 129 -23.68 -25.82 2.03
N TYR D 130 -23.98 -25.98 0.74
CA TYR D 130 -24.27 -24.84 -0.13
C TYR D 130 -25.24 -25.29 -1.19
N VAL D 131 -25.92 -24.32 -1.80
CA VAL D 131 -26.99 -24.64 -2.73
C VAL D 131 -26.86 -23.80 -4.01
N SER D 132 -27.10 -24.45 -5.14
CA SER D 132 -27.11 -23.80 -6.42
C SER D 132 -28.42 -23.05 -6.59
N ILE D 133 -28.35 -21.83 -7.13
CA ILE D 133 -29.53 -20.97 -7.30
C ILE D 133 -29.95 -20.99 -8.77
N PRO D 134 -31.18 -21.46 -9.06
CA PRO D 134 -31.63 -21.48 -10.47
C PRO D 134 -31.63 -20.09 -11.15
N ASP D 135 -31.39 -20.10 -12.47
CA ASP D 135 -31.50 -18.92 -13.36
C ASP D 135 -32.68 -18.01 -13.02
N ASP D 136 -33.83 -18.61 -12.72
CA ASP D 136 -35.04 -17.85 -12.46
C ASP D 136 -35.34 -17.55 -10.98
N LYS D 137 -34.37 -17.77 -10.07
CA LYS D 137 -34.60 -17.57 -8.63
C LYS D 137 -33.62 -16.64 -7.93
N PHE D 138 -33.01 -15.72 -8.67
CA PHE D 138 -31.98 -14.90 -8.06
C PHE D 138 -32.62 -14.01 -6.99
N LYS D 139 -33.66 -13.27 -7.34
CA LYS D 139 -34.23 -12.27 -6.45
C LYS D 139 -34.81 -12.92 -5.19
N GLU D 140 -35.49 -14.03 -5.37
CA GLU D 140 -36.02 -14.83 -4.28
C GLU D 140 -34.93 -15.36 -3.35
N ALA D 141 -33.91 -16.00 -3.94
CA ALA D 141 -32.75 -16.53 -3.21
C ALA D 141 -32.02 -15.42 -2.44
N LEU D 142 -31.86 -14.28 -3.08
CA LEU D 142 -31.31 -13.08 -2.45
C LEU D 142 -32.10 -12.70 -1.19
N ARG D 143 -33.43 -12.55 -1.34
CA ARG D 143 -34.28 -12.09 -0.25
C ARG D 143 -34.32 -13.03 0.96
N TYR D 144 -34.43 -14.33 0.72
CA TYR D 144 -34.70 -15.29 1.80
C TYR D 144 -33.52 -16.12 2.26
N LEU D 145 -32.50 -16.22 1.40
CA LEU D 145 -31.27 -16.98 1.70
C LEU D 145 -30.10 -16.04 2.01
N GLY D 146 -29.87 -15.07 1.15
CA GLY D 146 -28.82 -14.09 1.35
C GLY D 146 -27.97 -13.90 0.11
N PRO D 147 -26.86 -13.17 0.25
CA PRO D 147 -25.89 -12.96 -0.82
C PRO D 147 -25.40 -14.22 -1.53
N ILE D 148 -25.37 -14.12 -2.85
CA ILE D 148 -25.04 -15.23 -3.72
C ILE D 148 -23.64 -15.01 -4.30
N SER D 149 -22.75 -15.98 -4.09
CA SER D 149 -21.53 -16.14 -4.89
C SER D 149 -21.81 -16.52 -6.37
N ILE D 150 -21.37 -15.66 -7.29
CA ILE D 150 -21.68 -15.80 -8.69
C ILE D 150 -20.46 -15.59 -9.58
N SER D 151 -20.53 -16.15 -10.77
CA SER D 151 -19.53 -15.94 -11.79
C SER D 151 -19.99 -14.74 -12.60
N ILE D 152 -19.04 -14.10 -13.28
CA ILE D 152 -19.35 -12.94 -14.09
C ILE D 152 -18.37 -12.96 -15.26
N ALA D 153 -18.79 -12.42 -16.40
CA ALA D 153 -17.90 -12.20 -17.55
C ALA D 153 -17.48 -10.75 -17.54
N ALA D 154 -16.30 -10.49 -17.00
CA ALA D 154 -15.75 -9.14 -16.82
C ALA D 154 -14.86 -8.73 -17.97
N SER D 155 -15.08 -7.52 -18.48
CA SER D 155 -14.33 -6.93 -19.58
C SER D 155 -13.30 -5.89 -19.08
N ASP D 156 -12.57 -5.32 -20.03
CA ASP D 156 -11.67 -4.19 -19.77
C ASP D 156 -12.42 -2.94 -19.26
N ASP D 157 -13.61 -2.70 -19.82
CA ASP D 157 -14.50 -1.64 -19.38
C ASP D 157 -14.91 -1.80 -17.92
N PHE D 158 -15.22 -3.03 -17.55
CA PHE D 158 -15.59 -3.43 -16.19
C PHE D 158 -14.41 -3.13 -15.24
N ALA D 159 -13.22 -3.60 -15.59
CA ALA D 159 -11.99 -3.37 -14.82
C ALA D 159 -11.72 -1.89 -14.57
N PHE D 160 -12.05 -1.05 -15.54
CA PHE D 160 -11.74 0.39 -15.46
C PHE D 160 -12.91 1.25 -15.00
N TYR D 161 -13.99 0.61 -14.59
CA TYR D 161 -15.17 1.27 -14.05
C TYR D 161 -14.92 1.92 -12.68
N ARG D 162 -15.20 3.22 -12.61
CA ARG D 162 -15.05 4.03 -11.40
C ARG D 162 -16.34 4.77 -11.00
N GLY D 163 -17.47 4.28 -11.44
CA GLY D 163 -18.74 4.84 -11.04
C GLY D 163 -19.56 5.46 -12.14
N GLY D 164 -20.83 5.67 -11.81
CA GLY D 164 -21.81 6.17 -12.73
C GLY D 164 -22.57 5.02 -13.35
N PHE D 165 -23.51 5.38 -14.21
CA PHE D 165 -24.33 4.41 -14.89
C PHE D 165 -23.44 3.58 -15.83
N TYR D 166 -23.37 2.27 -15.58
CA TYR D 166 -22.50 1.40 -16.35
C TYR D 166 -23.04 1.13 -17.75
N ASP D 167 -22.29 1.54 -18.76
CA ASP D 167 -22.64 1.25 -20.13
C ASP D 167 -21.50 0.61 -20.92
N GLY D 168 -20.58 -0.09 -20.25
CA GLY D 168 -19.47 -0.72 -20.94
C GLY D 168 -19.82 -2.08 -21.51
N GLU D 169 -18.83 -2.71 -22.14
CA GLU D 169 -18.97 -4.04 -22.74
C GLU D 169 -18.95 -5.11 -21.68
N CYS D 170 -19.54 -6.27 -22.00
CA CYS D 170 -19.39 -7.47 -21.17
C CYS D 170 -18.27 -8.30 -21.73
N GLY D 171 -17.80 -9.27 -20.94
CA GLY D 171 -16.72 -10.14 -21.37
C GLY D 171 -17.21 -11.23 -22.30
N ALA D 172 -16.27 -11.89 -22.96
CA ALA D 172 -16.56 -12.99 -23.85
C ALA D 172 -17.09 -14.20 -23.09
N ALA D 173 -16.51 -14.51 -21.95
CA ALA D 173 -16.86 -15.72 -21.21
C ALA D 173 -16.67 -15.44 -19.74
N PRO D 174 -17.34 -16.21 -18.86
CA PRO D 174 -17.16 -15.98 -17.42
C PRO D 174 -15.71 -16.18 -17.01
N ASN D 175 -15.18 -15.19 -16.30
CA ASN D 175 -13.76 -15.13 -16.02
C ASN D 175 -13.51 -14.57 -14.63
N HIS D 176 -14.59 -14.38 -13.87
CA HIS D 176 -14.47 -13.67 -12.59
C HIS D 176 -15.62 -14.12 -11.68
N ALA D 177 -15.41 -13.94 -10.38
CA ALA D 177 -16.34 -14.33 -9.36
C ALA D 177 -16.58 -13.10 -8.47
N VAL D 178 -17.86 -12.73 -8.31
CA VAL D 178 -18.29 -11.64 -7.46
C VAL D 178 -19.38 -12.14 -6.48
N ILE D 179 -19.97 -11.22 -5.72
CA ILE D 179 -21.15 -11.53 -4.87
C ILE D 179 -22.31 -10.61 -5.20
N LEU D 180 -23.49 -11.21 -5.45
CA LEU D 180 -24.76 -10.47 -5.55
C LEU D 180 -25.24 -10.15 -4.11
N VAL D 181 -25.40 -8.87 -3.78
CA VAL D 181 -25.84 -8.47 -2.43
C VAL D 181 -27.24 -7.85 -2.41
N GLY D 182 -27.87 -7.71 -3.57
CA GLY D 182 -29.25 -7.32 -3.60
C GLY D 182 -29.73 -6.86 -4.95
N TYR D 183 -30.87 -6.18 -4.92
CA TYR D 183 -31.40 -5.59 -6.13
C TYR D 183 -32.12 -4.29 -5.79
N GLY D 184 -32.31 -3.45 -6.80
CA GLY D 184 -33.02 -2.20 -6.63
C GLY D 184 -33.62 -1.71 -7.91
N MET D 185 -34.22 -0.52 -7.86
CA MET D 185 -34.77 0.12 -9.05
C MET D 185 -34.66 1.63 -8.96
N LYS D 186 -34.29 2.29 -10.05
CA LYS D 186 -34.44 3.75 -10.14
C LYS D 186 -34.84 4.20 -11.56
N LYS D 198 -38.75 2.34 -14.01
CA LYS D 198 -37.97 2.44 -15.25
C LYS D 198 -36.67 1.58 -15.28
N PHE D 199 -35.82 1.62 -14.26
CA PHE D 199 -34.51 0.90 -14.32
C PHE D 199 -34.23 -0.05 -13.16
N TYR D 200 -34.33 -1.36 -13.43
CA TYR D 200 -34.07 -2.42 -12.44
C TYR D 200 -32.63 -2.95 -12.55
N TYR D 201 -32.05 -3.33 -11.42
CA TYR D 201 -30.65 -3.77 -11.39
C TYR D 201 -30.32 -4.71 -10.23
N TYR D 202 -29.28 -5.52 -10.41
CA TYR D 202 -28.63 -6.24 -9.30
C TYR D 202 -27.48 -5.42 -8.73
N ILE D 203 -27.19 -5.62 -7.44
CA ILE D 203 -26.08 -4.98 -6.77
C ILE D 203 -24.95 -6.00 -6.58
N ILE D 204 -23.81 -5.75 -7.22
CA ILE D 204 -22.65 -6.66 -7.21
C ILE D 204 -21.55 -6.11 -6.33
N LYS D 205 -21.04 -6.92 -5.39
CA LYS D 205 -19.86 -6.62 -4.58
C LYS D 205 -18.63 -7.24 -5.23
N ASN D 206 -17.67 -6.39 -5.57
CA ASN D 206 -16.43 -6.82 -6.19
C ASN D 206 -15.28 -6.86 -5.13
N SER D 207 -14.13 -7.41 -5.54
CA SER D 207 -13.00 -7.64 -4.63
C SER D 207 -11.73 -6.98 -5.18
N TRP D 208 -11.87 -5.78 -5.75
CA TRP D 208 -10.75 -5.00 -6.26
C TRP D 208 -10.54 -3.70 -5.49
N GLY D 209 -10.97 -3.68 -4.22
CA GLY D 209 -10.86 -2.49 -3.38
C GLY D 209 -12.07 -1.57 -3.47
N SER D 210 -12.12 -0.62 -2.55
CA SER D 210 -13.21 0.33 -2.50
C SER D 210 -12.97 1.49 -3.50
N ASP D 211 -11.78 1.56 -4.07
CA ASP D 211 -11.48 2.52 -5.10
C ASP D 211 -11.61 1.90 -6.50
N TRP D 212 -12.54 0.97 -6.63
CA TRP D 212 -13.00 0.46 -7.90
C TRP D 212 -14.49 0.68 -7.86
N GLY D 213 -15.10 1.03 -8.98
CA GLY D 213 -16.54 1.15 -9.05
C GLY D 213 -17.10 2.19 -8.10
N GLU D 214 -18.29 1.91 -7.56
CA GLU D 214 -18.92 2.80 -6.60
C GLU D 214 -18.57 2.28 -5.22
N GLY D 215 -17.44 2.71 -4.66
CA GLY D 215 -16.97 2.16 -3.37
C GLY D 215 -16.80 0.63 -3.31
N GLY D 216 -16.48 0.03 -4.46
CA GLY D 216 -16.34 -1.41 -4.60
C GLY D 216 -17.52 -2.15 -5.20
N TYR D 217 -18.55 -1.40 -5.59
CA TYR D 217 -19.82 -1.97 -6.05
C TYR D 217 -20.19 -1.53 -7.47
N ILE D 218 -21.04 -2.31 -8.13
CA ILE D 218 -21.58 -1.97 -9.43
C ILE D 218 -23.04 -2.43 -9.50
N ASN D 219 -23.89 -1.56 -10.06
CA ASN D 219 -25.27 -1.92 -10.42
C ASN D 219 -25.34 -2.34 -11.85
N LEU D 220 -25.82 -3.57 -12.06
CA LEU D 220 -25.94 -4.15 -13.41
C LEU D 220 -27.42 -4.46 -13.76
N GLU D 221 -27.84 -3.99 -14.94
CA GLU D 221 -29.22 -4.06 -15.39
C GLU D 221 -29.87 -5.44 -15.34
N THR D 222 -31.10 -5.46 -14.85
CA THR D 222 -31.95 -6.61 -14.93
C THR D 222 -33.37 -6.14 -15.23
N ASP D 223 -34.34 -7.02 -14.99
CA ASP D 223 -35.73 -6.68 -15.12
C ASP D 223 -36.46 -7.00 -13.81
N GLU D 224 -37.77 -6.78 -13.78
CA GLU D 224 -38.54 -6.85 -12.54
C GLU D 224 -38.51 -8.22 -11.90
N ASN D 225 -38.68 -9.25 -12.73
CA ASN D 225 -38.63 -10.64 -12.28
C ASN D 225 -37.21 -11.07 -11.93
N GLY D 226 -36.23 -10.36 -12.49
CA GLY D 226 -34.81 -10.63 -12.24
C GLY D 226 -34.26 -11.69 -13.19
N TYR D 227 -34.88 -11.79 -14.37
CA TYR D 227 -34.50 -12.79 -15.40
C TYR D 227 -33.41 -12.30 -16.35
N LYS D 228 -33.43 -11.02 -16.69
CA LYS D 228 -32.38 -10.43 -17.51
C LYS D 228 -31.05 -10.46 -16.78
N LYS D 229 -30.05 -11.07 -17.42
CA LYS D 229 -28.69 -11.15 -16.94
C LYS D 229 -27.74 -10.31 -17.78
N THR D 230 -27.08 -9.38 -17.12
CA THR D 230 -26.03 -8.59 -17.72
C THR D 230 -24.69 -9.22 -17.36
N CYS D 231 -23.80 -9.35 -18.35
CA CYS D 231 -22.44 -9.86 -18.15
C CYS D 231 -22.39 -11.31 -17.69
N SER D 232 -23.40 -12.08 -18.10
CA SER D 232 -23.47 -13.50 -17.81
C SER D 232 -23.43 -13.80 -16.32
N ILE D 233 -23.92 -12.88 -15.47
CA ILE D 233 -23.83 -13.02 -14.01
C ILE D 233 -24.54 -14.29 -13.55
N GLY D 234 -23.85 -15.05 -12.68
CA GLY D 234 -24.48 -16.17 -12.01
C GLY D 234 -24.73 -17.35 -12.91
N THR D 235 -23.91 -17.47 -13.96
CA THR D 235 -23.85 -18.69 -14.74
C THR D 235 -23.57 -19.80 -13.73
N GLU D 236 -22.56 -19.59 -12.89
CA GLU D 236 -22.44 -20.31 -11.62
C GLU D 236 -22.99 -19.38 -10.52
N ALA D 237 -23.92 -19.87 -9.71
CA ALA D 237 -24.61 -19.09 -8.68
C ALA D 237 -24.91 -19.96 -7.45
N TYR D 238 -24.16 -19.74 -6.35
CA TYR D 238 -24.32 -20.51 -5.08
C TYR D 238 -24.40 -19.65 -3.79
N VAL D 239 -25.22 -20.12 -2.84
CA VAL D 239 -25.34 -19.56 -1.48
C VAL D 239 -24.88 -20.62 -0.47
N PRO D 240 -23.88 -20.31 0.40
CA PRO D 240 -23.47 -21.27 1.44
C PRO D 240 -24.47 -21.30 2.60
N LEU D 241 -24.42 -22.33 3.44
CA LEU D 241 -25.49 -22.54 4.44
C LEU D 241 -24.92 -23.06 5.74
N LEU D 242 -25.53 -22.64 6.86
CA LEU D 242 -24.95 -22.85 8.18
C LEU D 242 -25.73 -23.90 9.01
#